data_7EDN
# 
_entry.id   7EDN 
# 
_audit_conform.dict_name       mmcif_pdbx.dic 
_audit_conform.dict_version    5.380 
_audit_conform.dict_location   http://mmcif.pdb.org/dictionaries/ascii/mmcif_pdbx.dic 
# 
loop_
_database_2.database_id 
_database_2.database_code 
_database_2.pdbx_database_accession 
_database_2.pdbx_DOI 
PDB   7EDN         pdb_00007edn 10.2210/pdb7edn/pdb 
WWPDB D_1300021225 ?            ?                   
# 
_pdbx_database_status.status_code                     REL 
_pdbx_database_status.status_code_sf                  REL 
_pdbx_database_status.status_code_mr                  ? 
_pdbx_database_status.entry_id                        7EDN 
_pdbx_database_status.recvd_initial_deposition_date   2021-03-16 
_pdbx_database_status.SG_entry                        N 
_pdbx_database_status.deposit_site                    PDBJ 
_pdbx_database_status.process_site                    PDBJ 
_pdbx_database_status.status_code_cs                  ? 
_pdbx_database_status.status_code_nmr_data            ? 
_pdbx_database_status.methods_development_category    ? 
_pdbx_database_status.pdb_format_compatible           Y 
# 
loop_
_audit_author.name 
_audit_author.pdbx_ordinal 
_audit_author.identifier_ORCID 
'Kondo, J.'  1 0000-0002-5682-3685 
'Suzuki, C.' 2 ?                   
# 
_citation.abstract                  ? 
_citation.abstract_id_CAS           ? 
_citation.book_id_ISBN              ? 
_citation.book_publisher            ? 
_citation.book_publisher_city       ? 
_citation.book_title                ? 
_citation.coordinate_linkage        ? 
_citation.country                   ? 
_citation.database_id_Medline       ? 
_citation.details                   ? 
_citation.id                        primary 
_citation.journal_abbrev            'To Be Published' 
_citation.journal_id_ASTM           ? 
_citation.journal_id_CSD            0353 
_citation.journal_id_ISSN           ? 
_citation.journal_full              ? 
_citation.journal_issue             ? 
_citation.journal_volume            ? 
_citation.language                  ? 
_citation.page_first                ? 
_citation.page_last                 ? 
_citation.title                     'Crystal structure of the eukaryotic decoding site in complex with Ag(I)' 
_citation.year                      ? 
_citation.database_id_CSD           ? 
_citation.pdbx_database_id_DOI      ? 
_citation.pdbx_database_id_PubMed   ? 
_citation.pdbx_database_id_patent   ? 
_citation.unpublished_flag          ? 
# 
loop_
_citation_author.citation_id 
_citation_author.name 
_citation_author.ordinal 
_citation_author.identifier_ORCID 
primary 'Kondo, J.'  1 0000-0002-5682-3685 
primary 'Suzuki, C.' 2 ?                   
# 
_cell.angle_alpha                  90.000 
_cell.angle_alpha_esd              ? 
_cell.angle_beta                   102.350 
_cell.angle_beta_esd               ? 
_cell.angle_gamma                  90.000 
_cell.angle_gamma_esd              ? 
_cell.entry_id                     7EDN 
_cell.details                      ? 
_cell.formula_units_Z              ? 
_cell.length_a                     51.176 
_cell.length_a_esd                 ? 
_cell.length_b                     28.102 
_cell.length_b_esd                 ? 
_cell.length_c                     37.711 
_cell.length_c_esd                 ? 
_cell.volume                       ? 
_cell.volume_esd                   ? 
_cell.Z_PDB                        4 
_cell.reciprocal_angle_alpha       ? 
_cell.reciprocal_angle_beta        ? 
_cell.reciprocal_angle_gamma       ? 
_cell.reciprocal_angle_alpha_esd   ? 
_cell.reciprocal_angle_beta_esd    ? 
_cell.reciprocal_angle_gamma_esd   ? 
_cell.reciprocal_length_a          ? 
_cell.reciprocal_length_b          ? 
_cell.reciprocal_length_c          ? 
_cell.reciprocal_length_a_esd      ? 
_cell.reciprocal_length_b_esd      ? 
_cell.reciprocal_length_c_esd      ? 
_cell.pdbx_unique_axis             ? 
# 
_symmetry.entry_id                         7EDN 
_symmetry.cell_setting                     ? 
_symmetry.Int_Tables_number                5 
_symmetry.space_group_name_Hall            ? 
_symmetry.space_group_name_H-M             'C 1 2 1' 
_symmetry.pdbx_full_space_group_name_H-M   ? 
# 
loop_
_entity.id 
_entity.type 
_entity.src_method 
_entity.pdbx_description 
_entity.formula_weight 
_entity.pdbx_number_of_molecules 
_entity.pdbx_ec 
_entity.pdbx_mutation 
_entity.pdbx_fragment 
_entity.details 
1 polymer     syn 
;RNA (5'-R(P*UP*GP*CP*GP*UP*CP*GP*CP*GP*UP*CP*GP*AP*CP*GP*AP*AP*GP*UP*CP*GP*C)-3')
;
7371.408 1 ? ? ? ? 
2 non-polymer syn 'SILVER ION'                                                                        107.868  2 ? ? ? ? 
3 non-polymer syn 'CALCIUM ION'                                                                       40.078   1 ? ? ? ? 
# 
_entity_poly.entity_id                      1 
_entity_poly.type                           polyribonucleotide 
_entity_poly.nstd_linkage                   no 
_entity_poly.nstd_monomer                   no 
_entity_poly.pdbx_seq_one_letter_code       UUGCGUCGCGUCGACGAAGUCGC 
_entity_poly.pdbx_seq_one_letter_code_can   UUGCGUCGCGUCGACGAAGUCGC 
_entity_poly.pdbx_strand_id                 A 
_entity_poly.pdbx_target_identifier         ? 
# 
loop_
_entity_poly_seq.entity_id 
_entity_poly_seq.num 
_entity_poly_seq.mon_id 
_entity_poly_seq.hetero 
1 1  U n 
1 2  U n 
1 3  G n 
1 4  C n 
1 5  G n 
1 6  U n 
1 7  C n 
1 8  G n 
1 9  C n 
1 10 G n 
1 11 U n 
1 12 C n 
1 13 G n 
1 14 A n 
1 15 C n 
1 16 G n 
1 17 A n 
1 18 A n 
1 19 G n 
1 20 U n 
1 21 C n 
1 22 G n 
1 23 C n 
# 
_pdbx_entity_src_syn.entity_id              1 
_pdbx_entity_src_syn.pdbx_src_id            1 
_pdbx_entity_src_syn.pdbx_alt_source_flag   sample 
_pdbx_entity_src_syn.pdbx_beg_seq_num       1 
_pdbx_entity_src_syn.pdbx_end_seq_num       23 
_pdbx_entity_src_syn.organism_scientific    'synthetic construct' 
_pdbx_entity_src_syn.organism_common_name   ? 
_pdbx_entity_src_syn.ncbi_taxonomy_id       32630 
_pdbx_entity_src_syn.details                ? 
# 
_struct_ref.id                         1 
_struct_ref.db_name                    PDB 
_struct_ref.db_code                    7EDN 
_struct_ref.pdbx_db_accession          7EDN 
_struct_ref.pdbx_db_isoform            ? 
_struct_ref.entity_id                  1 
_struct_ref.pdbx_seq_one_letter_code   ? 
_struct_ref.pdbx_align_begin           1 
# 
_struct_ref_seq.align_id                      1 
_struct_ref_seq.ref_id                        1 
_struct_ref_seq.pdbx_PDB_id_code              7EDN 
_struct_ref_seq.pdbx_strand_id                A 
_struct_ref_seq.seq_align_beg                 1 
_struct_ref_seq.pdbx_seq_align_beg_ins_code   ? 
_struct_ref_seq.seq_align_end                 23 
_struct_ref_seq.pdbx_seq_align_end_ins_code   ? 
_struct_ref_seq.pdbx_db_accession             7EDN 
_struct_ref_seq.db_align_beg                  1 
_struct_ref_seq.pdbx_db_align_beg_ins_code    ? 
_struct_ref_seq.db_align_end                  23 
_struct_ref_seq.pdbx_db_align_end_ins_code    ? 
_struct_ref_seq.pdbx_auth_seq_align_beg       1 
_struct_ref_seq.pdbx_auth_seq_align_end       23 
# 
loop_
_chem_comp.id 
_chem_comp.type 
_chem_comp.mon_nstd_flag 
_chem_comp.name 
_chem_comp.pdbx_synonyms 
_chem_comp.formula 
_chem_comp.formula_weight 
A  'RNA linking' y "ADENOSINE-5'-MONOPHOSPHATE" ? 'C10 H14 N5 O7 P' 347.221 
AG non-polymer   . 'SILVER ION'                 ? 'Ag 1'            107.868 
C  'RNA linking' y "CYTIDINE-5'-MONOPHOSPHATE"  ? 'C9 H14 N3 O8 P'  323.197 
CA non-polymer   . 'CALCIUM ION'                ? 'Ca 2'            40.078  
G  'RNA linking' y "GUANOSINE-5'-MONOPHOSPHATE" ? 'C10 H14 N5 O8 P' 363.221 
U  'RNA linking' y "URIDINE-5'-MONOPHOSPHATE"   ? 'C9 H13 N2 O9 P'  324.181 
# 
_exptl.absorpt_coefficient_mu     ? 
_exptl.absorpt_correction_T_max   ? 
_exptl.absorpt_correction_T_min   ? 
_exptl.absorpt_correction_type    ? 
_exptl.absorpt_process_details    ? 
_exptl.entry_id                   7EDN 
_exptl.crystals_number            1 
_exptl.details                    ? 
_exptl.method                     'X-RAY DIFFRACTION' 
_exptl.method_details             ? 
# 
_exptl_crystal.colour                      ? 
_exptl_crystal.density_diffrn              ? 
_exptl_crystal.density_Matthews            1.80 
_exptl_crystal.density_method              ? 
_exptl_crystal.density_percent_sol         31.54 
_exptl_crystal.description                 ? 
_exptl_crystal.F_000                       ? 
_exptl_crystal.id                          1 
_exptl_crystal.preparation                 ? 
_exptl_crystal.size_max                    ? 
_exptl_crystal.size_mid                    ? 
_exptl_crystal.size_min                    ? 
_exptl_crystal.size_rad                    ? 
_exptl_crystal.colour_lustre               ? 
_exptl_crystal.colour_modifier             ? 
_exptl_crystal.colour_primary              ? 
_exptl_crystal.density_meas                ? 
_exptl_crystal.density_meas_esd            ? 
_exptl_crystal.density_meas_gt             ? 
_exptl_crystal.density_meas_lt             ? 
_exptl_crystal.density_meas_temp           ? 
_exptl_crystal.density_meas_temp_esd       ? 
_exptl_crystal.density_meas_temp_gt        ? 
_exptl_crystal.density_meas_temp_lt        ? 
_exptl_crystal.pdbx_crystal_image_url      ? 
_exptl_crystal.pdbx_crystal_image_format   ? 
_exptl_crystal.pdbx_mosaicity              ? 
_exptl_crystal.pdbx_mosaicity_esd          ? 
# 
_exptl_crystal_grow.apparatus       ? 
_exptl_crystal_grow.atmosphere      ? 
_exptl_crystal_grow.crystal_id      1 
_exptl_crystal_grow.details         ? 
_exptl_crystal_grow.method          'VAPOR DIFFUSION, HANGING DROP' 
_exptl_crystal_grow.method_ref      ? 
_exptl_crystal_grow.pH              ? 
_exptl_crystal_grow.pressure        ? 
_exptl_crystal_grow.pressure_esd    ? 
_exptl_crystal_grow.seeding         ? 
_exptl_crystal_grow.seeding_ref     ? 
_exptl_crystal_grow.temp            293 
_exptl_crystal_grow.temp_details    ? 
_exptl_crystal_grow.temp_esd        ? 
_exptl_crystal_grow.time            ? 
_exptl_crystal_grow.pdbx_details    'MOPS, MPD, spermine, calcium nitrate, silver nitrate, G418' 
_exptl_crystal_grow.pdbx_pH_range   ? 
# 
_diffrn.ambient_environment              ? 
_diffrn.ambient_temp                     100 
_diffrn.ambient_temp_details             ? 
_diffrn.ambient_temp_esd                 ? 
_diffrn.crystal_id                       1 
_diffrn.crystal_support                  ? 
_diffrn.crystal_treatment                ? 
_diffrn.details                          ? 
_diffrn.id                               1 
_diffrn.ambient_pressure                 ? 
_diffrn.ambient_pressure_esd             ? 
_diffrn.ambient_pressure_gt              ? 
_diffrn.ambient_pressure_lt              ? 
_diffrn.ambient_temp_gt                  ? 
_diffrn.ambient_temp_lt                  ? 
_diffrn.pdbx_serial_crystal_experiment   N 
# 
_diffrn_detector.details                      ? 
_diffrn_detector.detector                     PIXEL 
_diffrn_detector.diffrn_id                    1 
_diffrn_detector.type                         'DECTRIS EIGER X 4M' 
_diffrn_detector.area_resol_mean              ? 
_diffrn_detector.dtime                        ? 
_diffrn_detector.pdbx_frames_total            ? 
_diffrn_detector.pdbx_collection_time_total   ? 
_diffrn_detector.pdbx_collection_date         2017-12-23 
_diffrn_detector.pdbx_frequency               ? 
# 
_diffrn_radiation.collimation                      ? 
_diffrn_radiation.diffrn_id                        1 
_diffrn_radiation.filter_edge                      ? 
_diffrn_radiation.inhomogeneity                    ? 
_diffrn_radiation.monochromator                    ? 
_diffrn_radiation.polarisn_norm                    ? 
_diffrn_radiation.polarisn_ratio                   ? 
_diffrn_radiation.probe                            ? 
_diffrn_radiation.type                             ? 
_diffrn_radiation.xray_symbol                      ? 
_diffrn_radiation.wavelength_id                    1 
_diffrn_radiation.pdbx_monochromatic_or_laue_m_l   M 
_diffrn_radiation.pdbx_wavelength_list             ? 
_diffrn_radiation.pdbx_wavelength                  ? 
_diffrn_radiation.pdbx_diffrn_protocol             'SINGLE WAVELENGTH' 
_diffrn_radiation.pdbx_analyzer                    ? 
_diffrn_radiation.pdbx_scattering_type             x-ray 
# 
_diffrn_radiation_wavelength.id           1 
_diffrn_radiation_wavelength.wavelength   1.1 
_diffrn_radiation_wavelength.wt           1.0 
# 
_diffrn_source.current                     ? 
_diffrn_source.details                     ? 
_diffrn_source.diffrn_id                   1 
_diffrn_source.power                       ? 
_diffrn_source.size                        ? 
_diffrn_source.source                      SYNCHROTRON 
_diffrn_source.target                      ? 
_diffrn_source.type                        'PHOTON FACTORY BEAMLINE BL-1A' 
_diffrn_source.voltage                     ? 
_diffrn_source.take-off_angle              ? 
_diffrn_source.pdbx_wavelength_list        1.1 
_diffrn_source.pdbx_wavelength             ? 
_diffrn_source.pdbx_synchrotron_beamline   BL-1A 
_diffrn_source.pdbx_synchrotron_site       'Photon Factory' 
# 
_reflns.B_iso_Wilson_estimate            64.023 
_reflns.entry_id                         7EDN 
_reflns.data_reduction_details           ? 
_reflns.data_reduction_method            ? 
_reflns.d_resolution_high                2.600 
_reflns.d_resolution_low                 36.840 
_reflns.details                          ? 
_reflns.limit_h_max                      ? 
_reflns.limit_h_min                      ? 
_reflns.limit_k_max                      ? 
_reflns.limit_k_min                      ? 
_reflns.limit_l_max                      ? 
_reflns.limit_l_min                      ? 
_reflns.number_all                       ? 
_reflns.number_obs                       3135 
_reflns.observed_criterion               ? 
_reflns.observed_criterion_F_max         ? 
_reflns.observed_criterion_F_min         ? 
_reflns.observed_criterion_I_max         ? 
_reflns.observed_criterion_I_min         ? 
_reflns.observed_criterion_sigma_F       ? 
_reflns.observed_criterion_sigma_I       ? 
_reflns.percent_possible_obs             99.200 
_reflns.R_free_details                   ? 
_reflns.Rmerge_F_all                     ? 
_reflns.Rmerge_F_obs                     ? 
_reflns.Friedel_coverage                 ? 
_reflns.number_gt                        ? 
_reflns.threshold_expression             ? 
_reflns.pdbx_redundancy                  3.374 
_reflns.pdbx_Rmerge_I_obs                0.107 
_reflns.pdbx_Rmerge_I_all                ? 
_reflns.pdbx_Rsym_value                  ? 
_reflns.pdbx_netI_over_av_sigmaI         ? 
_reflns.pdbx_netI_over_sigmaI            6.880 
_reflns.pdbx_res_netI_over_av_sigmaI_2   ? 
_reflns.pdbx_res_netI_over_sigmaI_2      ? 
_reflns.pdbx_chi_squared                 1.053 
_reflns.pdbx_scaling_rejects             ? 
_reflns.pdbx_d_res_high_opt              ? 
_reflns.pdbx_d_res_low_opt               ? 
_reflns.pdbx_d_res_opt_method            ? 
_reflns.phase_calculation_details        ? 
_reflns.pdbx_Rrim_I_all                  0.128 
_reflns.pdbx_Rpim_I_all                  ? 
_reflns.pdbx_d_opt                       ? 
_reflns.pdbx_number_measured_all         10577 
_reflns.pdbx_diffrn_id                   1 
_reflns.pdbx_ordinal                     1 
_reflns.pdbx_CC_half                     0.983 
_reflns.pdbx_CC_star                     ? 
_reflns.pdbx_R_split                     ? 
# 
loop_
_reflns_shell.d_res_high 
_reflns_shell.d_res_low 
_reflns_shell.meanI_over_sigI_all 
_reflns_shell.meanI_over_sigI_obs 
_reflns_shell.number_measured_all 
_reflns_shell.number_measured_obs 
_reflns_shell.number_possible 
_reflns_shell.number_unique_all 
_reflns_shell.number_unique_obs 
_reflns_shell.percent_possible_all 
_reflns_shell.percent_possible_obs 
_reflns_shell.Rmerge_F_all 
_reflns_shell.Rmerge_F_obs 
_reflns_shell.Rmerge_I_all 
_reflns_shell.Rmerge_I_obs 
_reflns_shell.meanI_over_sigI_gt 
_reflns_shell.meanI_over_uI_all 
_reflns_shell.meanI_over_uI_gt 
_reflns_shell.number_measured_gt 
_reflns_shell.number_unique_gt 
_reflns_shell.percent_possible_gt 
_reflns_shell.Rmerge_F_gt 
_reflns_shell.Rmerge_I_gt 
_reflns_shell.pdbx_redundancy 
_reflns_shell.pdbx_Rsym_value 
_reflns_shell.pdbx_chi_squared 
_reflns_shell.pdbx_netI_over_sigmaI_all 
_reflns_shell.pdbx_netI_over_sigmaI_obs 
_reflns_shell.pdbx_Rrim_I_all 
_reflns_shell.pdbx_Rpim_I_all 
_reflns_shell.pdbx_rejects 
_reflns_shell.pdbx_ordinal 
_reflns_shell.pdbx_diffrn_id 
_reflns_shell.pdbx_CC_half 
_reflns_shell.pdbx_CC_star 
_reflns_shell.pdbx_R_split 
2.600  2.680  ? 2.490  ? ? ? ? 268 98.200  ? ? ? ? 0.328 ? ? ? ? ? ? ? ? 3.392 ? ? ? ? 0.389 ? ? 1  1 0.941 ? ? 
2.680  2.770  ? 2.690  ? ? ? ? 254 100.000 ? ? ? ? 0.325 ? ? ? ? ? ? ? ? 3.480 ? ? ? ? 0.385 ? ? 2  1 0.925 ? ? 
2.770  2.860  ? 3.550  ? ? ? ? 267 100.00  ? ? ? ? 0.255 ? ? ? ? ? ? ? ? 3.453 ? ? ? ? 0.302 ? ? 3  1 0.939 ? ? 
2.860  2.970  ? 4.690  ? ? ? ? 236 97.100  ? ? ? ? 0.127 ? ? ? ? ? ? ? ? 3.432 ? ? ? ? 0.151 ? ? 4  1 0.996 ? ? 
2.970  3.090  ? 5.470  ? ? ? ? 248 100.000 ? ? ? ? 0.138 ? ? ? ? ? ? ? ? 3.266 ? ? ? ? 0.167 ? ? 5  1 0.983 ? ? 
3.090  3.230  ? 7.050  ? ? ? ? 226 99.600  ? ? ? ? 0.133 ? ? ? ? ? ? ? ? 2.969 ? ? ? ? 0.170 ? ? 6  1 0.976 ? ? 
3.230  3.390  ? 6.840  ? ? ? ? 215 96.800  ? ? ? ? 0.115 ? ? ? ? ? ? ? ? 3.102 ? ? ? ? 0.142 ? ? 7  1 0.987 ? ? 
3.390  3.570  ? 7.810  ? ? ? ? 206 100.000 ? ? ? ? 0.134 ? ? ? ? ? ? ? ? 3.194 ? ? ? ? 0.162 ? ? 8  1 0.974 ? ? 
3.570  3.790  ? 8.170  ? ? ? ? 192 96.500  ? ? ? ? 0.121 ? ? ? ? ? ? ? ? 3.172 ? ? ? ? 0.149 ? ? 9  1 0.978 ? ? 
3.790  4.050  ? 9.860  ? ? ? ? 191 100.0   ? ? ? ? 0.108 ? ? ? ? ? ? ? ? 3.461 ? ? ? ? 0.128 ? ? 10 1 0.992 ? ? 
4.050  4.380  ? 10.290 ? ? ? ? 163 98.800  ? ? ? ? 0.096 ? ? ? ? ? ? ? ? 3.687 ? ? ? ? 0.111 ? ? 11 1 0.990 ? ? 
4.380  4.790  ? 10.190 ? ? ? ? 175 100.00  ? ? ? ? 0.096 ? ? ? ? ? ? ? ? 3.549 ? ? ? ? 0.113 ? ? 12 1 0.984 ? ? 
4.790  5.360  ? 10.370 ? ? ? ? 134 97.100  ? ? ? ? 0.112 ? ? ? ? ? ? ? ? 3.642 ? ? ? ? 0.132 ? ? 13 1 0.968 ? ? 
5.360  6.190  ? 10.610 ? ? ? ? 130 100.000 ? ? ? ? 0.100 ? ? ? ? ? ? ? ? 3.662 ? ? ? ? 0.118 ? ? 14 1 0.977 ? ? 
6.190  7.580  ? 10.540 ? ? ? ? 105 100.000 ? ? ? ? 0.081 ? ? ? ? ? ? ? ? 3.429 ? ? ? ? 0.097 ? ? 15 1 0.985 ? ? 
7.580  10.720 ? 10.920 ? ? ? ? 80  98.800  ? ? ? ? 0.105 ? ? ? ? ? ? ? ? 3.562 ? ? ? ? 0.123 ? ? 16 1 0.980 ? ? 
10.720 36.840 ? 10.530 ? ? ? ? 45  95.700  ? ? ? ? 0.084 ? ? ? ? ? ? ? ? 3.222 ? ? ? ? 0.102 ? ? 17 1 0.979 ? ? 
# 
_refine.aniso_B[1][1]                            ? 
_refine.aniso_B[1][2]                            ? 
_refine.aniso_B[1][3]                            ? 
_refine.aniso_B[2][2]                            ? 
_refine.aniso_B[2][3]                            ? 
_refine.aniso_B[3][3]                            ? 
_refine.B_iso_max                                116.130 
_refine.B_iso_mean                               70.2578 
_refine.B_iso_min                                35.190 
_refine.correlation_coeff_Fo_to_Fc               ? 
_refine.correlation_coeff_Fo_to_Fc_free          ? 
_refine.details                                  'The SF file contains friedel pairs under F_plus and F_minus columns.' 
_refine.diff_density_max                         ? 
_refine.diff_density_max_esd                     ? 
_refine.diff_density_min                         ? 
_refine.diff_density_min_esd                     ? 
_refine.diff_density_rms                         ? 
_refine.diff_density_rms_esd                     ? 
_refine.entry_id                                 7EDN 
_refine.pdbx_refine_id                           'X-RAY DIFFRACTION' 
_refine.ls_abs_structure_details                 ? 
_refine.ls_abs_structure_Flack                   ? 
_refine.ls_abs_structure_Flack_esd               ? 
_refine.ls_abs_structure_Rogers                  ? 
_refine.ls_abs_structure_Rogers_esd              ? 
_refine.ls_d_res_high                            2.6000 
_refine.ls_d_res_low                             36.8400 
_refine.ls_extinction_coef                       ? 
_refine.ls_extinction_coef_esd                   ? 
_refine.ls_extinction_expression                 ? 
_refine.ls_extinction_method                     ? 
_refine.ls_goodness_of_fit_all                   ? 
_refine.ls_goodness_of_fit_all_esd               ? 
_refine.ls_goodness_of_fit_obs                   ? 
_refine.ls_goodness_of_fit_obs_esd               ? 
_refine.ls_hydrogen_treatment                    ? 
_refine.ls_matrix_type                           ? 
_refine.ls_number_constraints                    ? 
_refine.ls_number_parameters                     ? 
_refine.ls_number_reflns_all                     ? 
_refine.ls_number_reflns_obs                     3095 
_refine.ls_number_reflns_R_free                  308 
_refine.ls_number_reflns_R_work                  2787 
_refine.ls_number_restraints                     ? 
_refine.ls_percent_reflns_obs                    98.0400 
_refine.ls_percent_reflns_R_free                 9.9500 
_refine.ls_R_factor_all                          ? 
_refine.ls_R_factor_obs                          0.1939 
_refine.ls_R_factor_R_free                       0.2518 
_refine.ls_R_factor_R_free_error                 ? 
_refine.ls_R_factor_R_free_error_details         ? 
_refine.ls_R_factor_R_work                       0.1877 
_refine.ls_R_Fsqd_factor_obs                     ? 
_refine.ls_R_I_factor_obs                        ? 
_refine.ls_redundancy_reflns_all                 ? 
_refine.ls_redundancy_reflns_obs                 ? 
_refine.ls_restrained_S_all                      ? 
_refine.ls_restrained_S_obs                      ? 
_refine.ls_shift_over_esd_max                    ? 
_refine.ls_shift_over_esd_mean                   ? 
_refine.ls_structure_factor_coef                 ? 
_refine.ls_weighting_details                     ? 
_refine.ls_weighting_scheme                      ? 
_refine.ls_wR_factor_all                         ? 
_refine.ls_wR_factor_obs                         ? 
_refine.ls_wR_factor_R_free                      ? 
_refine.ls_wR_factor_R_work                      ? 
_refine.occupancy_max                            ? 
_refine.occupancy_min                            ? 
_refine.solvent_model_details                    'FLAT BULK SOLVENT MODEL' 
_refine.solvent_model_param_bsol                 ? 
_refine.solvent_model_param_ksol                 ? 
_refine.pdbx_R_complete                          ? 
_refine.ls_R_factor_gt                           ? 
_refine.ls_goodness_of_fit_gt                    ? 
_refine.ls_goodness_of_fit_ref                   ? 
_refine.ls_shift_over_su_max                     ? 
_refine.ls_shift_over_su_max_lt                  ? 
_refine.ls_shift_over_su_mean                    ? 
_refine.ls_shift_over_su_mean_lt                 ? 
_refine.pdbx_ls_sigma_I                          ? 
_refine.pdbx_ls_sigma_F                          1.390 
_refine.pdbx_ls_sigma_Fsqd                       ? 
_refine.pdbx_data_cutoff_high_absF               ? 
_refine.pdbx_data_cutoff_high_rms_absF           ? 
_refine.pdbx_data_cutoff_low_absF                ? 
_refine.pdbx_isotropic_thermal_model             ? 
_refine.pdbx_ls_cross_valid_method               THROUGHOUT 
_refine.pdbx_method_to_determine_struct          'MOLECULAR REPLACEMENT' 
_refine.pdbx_starting_model                      3td0 
_refine.pdbx_stereochemistry_target_values       ML 
_refine.pdbx_R_Free_selection_details            ? 
_refine.pdbx_stereochem_target_val_spec_case     ? 
_refine.pdbx_overall_ESU_R                       ? 
_refine.pdbx_overall_ESU_R_Free                  ? 
_refine.pdbx_solvent_vdw_probe_radii             1.1100 
_refine.pdbx_solvent_ion_probe_radii             ? 
_refine.pdbx_solvent_shrinkage_radii             0.9000 
_refine.pdbx_real_space_R                        ? 
_refine.pdbx_density_correlation                 ? 
_refine.pdbx_pd_number_of_powder_patterns        ? 
_refine.pdbx_pd_number_of_points                 ? 
_refine.pdbx_pd_meas_number_of_points            ? 
_refine.pdbx_pd_proc_ls_prof_R_factor            ? 
_refine.pdbx_pd_proc_ls_prof_wR_factor           ? 
_refine.pdbx_pd_Marquardt_correlation_coeff      ? 
_refine.pdbx_pd_Fsqrd_R_factor                   ? 
_refine.pdbx_pd_ls_matrix_band_width             ? 
_refine.pdbx_overall_phase_error                 34.1100 
_refine.pdbx_overall_SU_R_free_Cruickshank_DPI   ? 
_refine.pdbx_overall_SU_R_free_Blow_DPI          ? 
_refine.pdbx_overall_SU_R_Blow_DPI               ? 
_refine.pdbx_TLS_residual_ADP_flag               ? 
_refine.pdbx_diffrn_id                           1 
_refine.overall_SU_B                             ? 
_refine.overall_SU_ML                            0.3500 
_refine.overall_SU_R_Cruickshank_DPI             ? 
_refine.overall_SU_R_free                        ? 
_refine.overall_FOM_free_R_set                   ? 
_refine.overall_FOM_work_R_set                   ? 
_refine.pdbx_average_fsc_overall                 ? 
_refine.pdbx_average_fsc_work                    ? 
_refine.pdbx_average_fsc_free                    ? 
# 
_refine_hist.pdbx_refine_id                   'X-RAY DIFFRACTION' 
_refine_hist.cycle_id                         final 
_refine_hist.details                          ? 
_refine_hist.d_res_high                       2.6000 
_refine_hist.d_res_low                        36.8400 
_refine_hist.number_atoms_solvent             0 
_refine_hist.number_atoms_total               473 
_refine_hist.number_reflns_all                ? 
_refine_hist.number_reflns_obs                ? 
_refine_hist.number_reflns_R_free             ? 
_refine_hist.number_reflns_R_work             ? 
_refine_hist.R_factor_all                     ? 
_refine_hist.R_factor_obs                     ? 
_refine_hist.R_factor_R_free                  ? 
_refine_hist.R_factor_R_work                  ? 
_refine_hist.pdbx_number_residues_total       22 
_refine_hist.pdbx_B_iso_mean_ligand           83.51 
_refine_hist.pdbx_B_iso_mean_solvent          ? 
_refine_hist.pdbx_number_atoms_protein        0 
_refine_hist.pdbx_number_atoms_nucleic_acid   470 
_refine_hist.pdbx_number_atoms_ligand         3 
_refine_hist.pdbx_number_atoms_lipid          ? 
_refine_hist.pdbx_number_atoms_carb           ? 
_refine_hist.pdbx_pseudo_atom_details         ? 
# 
loop_
_refine_ls_shell.pdbx_refine_id 
_refine_ls_shell.d_res_high 
_refine_ls_shell.d_res_low 
_refine_ls_shell.number_reflns_all 
_refine_ls_shell.number_reflns_obs 
_refine_ls_shell.number_reflns_R_free 
_refine_ls_shell.number_reflns_R_work 
_refine_ls_shell.percent_reflns_obs 
_refine_ls_shell.percent_reflns_R_free 
_refine_ls_shell.R_factor_all 
_refine_ls_shell.R_factor_obs 
_refine_ls_shell.R_factor_R_free 
_refine_ls_shell.R_factor_R_free_error 
_refine_ls_shell.R_factor_R_work 
_refine_ls_shell.redundancy_reflns_all 
_refine_ls_shell.redundancy_reflns_obs 
_refine_ls_shell.wR_factor_all 
_refine_ls_shell.wR_factor_obs 
_refine_ls_shell.wR_factor_R_free 
_refine_ls_shell.wR_factor_R_work 
_refine_ls_shell.pdbx_R_complete 
_refine_ls_shell.pdbx_total_number_of_bins_used 
_refine_ls_shell.pdbx_phase_error 
_refine_ls_shell.pdbx_fsc_work 
_refine_ls_shell.pdbx_fsc_free 
'X-RAY DIFFRACTION' 2.6000 3.2700  1538 . 156 1382 98.0000 . . . 0.3412 0.0000 0.2476 . . . . . . . 2 . . . 
'X-RAY DIFFRACTION' 3.2800 36.8400 1557 . 152 1405 98.0000 . . . 0.2267 0.0000 0.1715 . . . . . . . 2 . . . 
# 
_struct.entry_id                     7EDN 
_struct.title                        'Crystal structure of the eukaryotic decoding site in complex with Ag(I)' 
_struct.pdbx_model_details           ? 
_struct.pdbx_formula_weight          ? 
_struct.pdbx_formula_weight_method   ? 
_struct.pdbx_model_type_details      ? 
_struct.pdbx_CASP_flag               N 
# 
_struct_keywords.entry_id        7EDN 
_struct_keywords.text            'Metal-mediated base pair, Silver, Decoding site, Ribosomal RNA, RNA' 
_struct_keywords.pdbx_keywords   RNA 
# 
loop_
_struct_asym.id 
_struct_asym.pdbx_blank_PDB_chainid_flag 
_struct_asym.pdbx_modified 
_struct_asym.entity_id 
_struct_asym.details 
A N N 1 ? 
B N N 2 ? 
C N N 2 ? 
D N N 3 ? 
# 
loop_
_struct_conn.id 
_struct_conn.conn_type_id 
_struct_conn.pdbx_leaving_atom_flag 
_struct_conn.pdbx_PDB_id 
_struct_conn.ptnr1_label_asym_id 
_struct_conn.ptnr1_label_comp_id 
_struct_conn.ptnr1_label_seq_id 
_struct_conn.ptnr1_label_atom_id 
_struct_conn.pdbx_ptnr1_label_alt_id 
_struct_conn.pdbx_ptnr1_PDB_ins_code 
_struct_conn.pdbx_ptnr1_standard_comp_id 
_struct_conn.ptnr1_symmetry 
_struct_conn.ptnr2_label_asym_id 
_struct_conn.ptnr2_label_comp_id 
_struct_conn.ptnr2_label_seq_id 
_struct_conn.ptnr2_label_atom_id 
_struct_conn.pdbx_ptnr2_label_alt_id 
_struct_conn.pdbx_ptnr2_PDB_ins_code 
_struct_conn.ptnr1_auth_asym_id 
_struct_conn.ptnr1_auth_comp_id 
_struct_conn.ptnr1_auth_seq_id 
_struct_conn.ptnr2_auth_asym_id 
_struct_conn.ptnr2_auth_comp_id 
_struct_conn.ptnr2_auth_seq_id 
_struct_conn.ptnr2_symmetry 
_struct_conn.pdbx_ptnr3_label_atom_id 
_struct_conn.pdbx_ptnr3_label_seq_id 
_struct_conn.pdbx_ptnr3_label_comp_id 
_struct_conn.pdbx_ptnr3_label_asym_id 
_struct_conn.pdbx_ptnr3_label_alt_id 
_struct_conn.pdbx_ptnr3_PDB_ins_code 
_struct_conn.details 
_struct_conn.pdbx_dist_value 
_struct_conn.pdbx_value_order 
_struct_conn.pdbx_role 
metalc1  metalc ? ? A U 6  N3  ? ? ? 1_555 C AG .  AG ? ? A U 6  A AG 102 1_555 ? ? ? ? ? ? ?             1.985 ? ? 
metalc2  metalc ? ? A G 8  N7  ? ? ? 1_555 B AG .  AG ? ? A G 8  A AG 101 2_955 ? ? ? ? ? ? ?             2.113 ? ? 
metalc3  metalc ? ? A A 17 N1  ? ? ? 1_555 B AG .  AG ? ? A A 17 A AG 101 1_555 ? ? ? ? ? ? ?             2.144 ? ? 
metalc4  metalc ? ? A A 18 OP2 ? ? ? 1_555 D CA .  CA ? ? A A 18 A CA 103 1_555 ? ? ? ? ? ? ?             2.346 ? ? 
metalc5  metalc ? ? A G 19 OP1 ? ? ? 1_555 D CA .  CA ? ? A G 19 A CA 103 1_555 ? ? ? ? ? ? ?             2.344 ? ? 
metalc6  metalc ? ? A U 20 N3  ? ? ? 1_555 C AG .  AG ? ? A U 20 A AG 102 2_955 ? ? ? ? ? ? ?             2.498 ? ? 
hydrog1  hydrog ? ? A G 3  N1  ? ? ? 1_555 A C  23 O2 ? ? A G 3  A C  23  2_955 ? ? ? ? ? ? 'G-C PAIR'    ?     ? ? 
hydrog2  hydrog ? ? A C 4  N3  ? ? ? 1_555 A G  22 N1 ? ? A C 4  A G  22  2_955 ? ? ? ? ? ? WATSON-CRICK  ?     ? ? 
hydrog3  hydrog ? ? A C 4  N4  ? ? ? 1_555 A G  22 O6 ? ? A C 4  A G  22  2_955 ? ? ? ? ? ? WATSON-CRICK  ?     ? ? 
hydrog4  hydrog ? ? A C 4  O2  ? ? ? 1_555 A G  22 N2 ? ? A C 4  A G  22  2_955 ? ? ? ? ? ? WATSON-CRICK  ?     ? ? 
hydrog5  hydrog ? ? A G 5  N1  ? ? ? 1_555 A C  21 N3 ? ? A G 5  A C  21  2_955 ? ? ? ? ? ? WATSON-CRICK  ?     ? ? 
hydrog6  hydrog ? ? A G 5  N2  ? ? ? 1_555 A C  21 O2 ? ? A G 5  A C  21  2_955 ? ? ? ? ? ? WATSON-CRICK  ?     ? ? 
hydrog7  hydrog ? ? A G 5  O6  ? ? ? 1_555 A C  21 N4 ? ? A G 5  A C  21  2_955 ? ? ? ? ? ? WATSON-CRICK  ?     ? ? 
hydrog8  hydrog ? ? A C 7  N3  ? ? ? 1_555 A G  19 N1 ? ? A C 7  A G  19  2_955 ? ? ? ? ? ? WATSON-CRICK  ?     ? ? 
hydrog9  hydrog ? ? A C 7  N4  ? ? ? 1_555 A G  19 O6 ? ? A C 7  A G  19  2_955 ? ? ? ? ? ? WATSON-CRICK  ?     ? ? 
hydrog10 hydrog ? ? A C 7  O2  ? ? ? 1_555 A G  19 N2 ? ? A C 7  A G  19  2_955 ? ? ? ? ? ? WATSON-CRICK  ?     ? ? 
hydrog11 hydrog ? ? A G 8  O6  ? ? ? 1_555 A A  17 N6 ? ? A G 8  A A  17  2_955 ? ? ? ? ? ? 'G-A MISPAIR' ?     ? ? 
hydrog12 hydrog ? ? A C 9  N3  ? ? ? 1_555 A G  16 N1 ? ? A C 9  A G  16  2_955 ? ? ? ? ? ? WATSON-CRICK  ?     ? ? 
hydrog13 hydrog ? ? A C 9  N4  ? ? ? 1_555 A G  16 O6 ? ? A C 9  A G  16  2_955 ? ? ? ? ? ? WATSON-CRICK  ?     ? ? 
hydrog14 hydrog ? ? A C 9  O2  ? ? ? 1_555 A G  16 N2 ? ? A C 9  A G  16  2_955 ? ? ? ? ? ? WATSON-CRICK  ?     ? ? 
hydrog15 hydrog ? ? A G 10 N1  ? ? ? 1_555 A C  15 N3 ? ? A G 10 A C  15  2_955 ? ? ? ? ? ? WATSON-CRICK  ?     ? ? 
hydrog16 hydrog ? ? A G 10 N2  ? ? ? 1_555 A C  15 O2 ? ? A G 10 A C  15  2_955 ? ? ? ? ? ? WATSON-CRICK  ?     ? ? 
hydrog17 hydrog ? ? A G 10 O6  ? ? ? 1_555 A C  15 N4 ? ? A G 10 A C  15  2_955 ? ? ? ? ? ? WATSON-CRICK  ?     ? ? 
hydrog18 hydrog ? ? A U 11 N3  ? ? ? 1_555 A A  14 N1 ? ? A U 11 A A  14  2_955 ? ? ? ? ? ? WATSON-CRICK  ?     ? ? 
hydrog19 hydrog ? ? A U 11 O4  ? ? ? 1_555 A A  14 N6 ? ? A U 11 A A  14  2_955 ? ? ? ? ? ? WATSON-CRICK  ?     ? ? 
hydrog20 hydrog ? ? A C 12 N3  ? ? ? 1_555 A G  13 N1 ? ? A C 12 A G  13  2_955 ? ? ? ? ? ? WATSON-CRICK  ?     ? ? 
hydrog21 hydrog ? ? A C 12 N4  ? ? ? 1_555 A G  13 O6 ? ? A C 12 A G  13  2_955 ? ? ? ? ? ? WATSON-CRICK  ?     ? ? 
hydrog22 hydrog ? ? A C 12 O2  ? ? ? 1_555 A G  13 N2 ? ? A C 12 A G  13  2_955 ? ? ? ? ? ? WATSON-CRICK  ?     ? ? 
hydrog23 hydrog ? ? A G 13 N1  ? ? ? 1_555 A C  12 N3 ? ? A G 13 A C  12  2_955 ? ? ? ? ? ? WATSON-CRICK  ?     ? ? 
hydrog24 hydrog ? ? A G 13 N2  ? ? ? 1_555 A C  12 O2 ? ? A G 13 A C  12  2_955 ? ? ? ? ? ? WATSON-CRICK  ?     ? ? 
hydrog25 hydrog ? ? A G 13 O6  ? ? ? 1_555 A C  12 N4 ? ? A G 13 A C  12  2_955 ? ? ? ? ? ? WATSON-CRICK  ?     ? ? 
hydrog26 hydrog ? ? A A 14 N1  ? ? ? 1_555 A U  11 N3 ? ? A A 14 A U  11  2_955 ? ? ? ? ? ? WATSON-CRICK  ?     ? ? 
hydrog27 hydrog ? ? A A 14 N6  ? ? ? 1_555 A U  11 O4 ? ? A A 14 A U  11  2_955 ? ? ? ? ? ? WATSON-CRICK  ?     ? ? 
hydrog28 hydrog ? ? A C 15 N3  ? ? ? 1_555 A G  10 N1 ? ? A C 15 A G  10  2_955 ? ? ? ? ? ? WATSON-CRICK  ?     ? ? 
hydrog29 hydrog ? ? A C 15 N4  ? ? ? 1_555 A G  10 O6 ? ? A C 15 A G  10  2_955 ? ? ? ? ? ? WATSON-CRICK  ?     ? ? 
hydrog30 hydrog ? ? A C 15 O2  ? ? ? 1_555 A G  10 N2 ? ? A C 15 A G  10  2_955 ? ? ? ? ? ? WATSON-CRICK  ?     ? ? 
hydrog31 hydrog ? ? A G 16 N1  ? ? ? 1_555 A C  9  N3 ? ? A G 16 A C  9   2_955 ? ? ? ? ? ? WATSON-CRICK  ?     ? ? 
hydrog32 hydrog ? ? A G 16 N2  ? ? ? 1_555 A C  9  O2 ? ? A G 16 A C  9   2_955 ? ? ? ? ? ? WATSON-CRICK  ?     ? ? 
hydrog33 hydrog ? ? A G 16 O6  ? ? ? 1_555 A C  9  N4 ? ? A G 16 A C  9   2_955 ? ? ? ? ? ? WATSON-CRICK  ?     ? ? 
hydrog34 hydrog ? ? A A 17 N6  ? ? ? 1_555 A G  8  O6 ? ? A A 17 A G  8   2_955 ? ? ? ? ? ? 'A-G MISPAIR' ?     ? ? 
hydrog35 hydrog ? ? A G 19 N1  ? ? ? 1_555 A C  7  N3 ? ? A G 19 A C  7   2_955 ? ? ? ? ? ? WATSON-CRICK  ?     ? ? 
hydrog36 hydrog ? ? A G 19 N2  ? ? ? 1_555 A C  7  O2 ? ? A G 19 A C  7   2_955 ? ? ? ? ? ? WATSON-CRICK  ?     ? ? 
hydrog37 hydrog ? ? A G 19 O6  ? ? ? 1_555 A C  7  N4 ? ? A G 19 A C  7   2_955 ? ? ? ? ? ? WATSON-CRICK  ?     ? ? 
hydrog38 hydrog ? ? A C 21 N3  ? ? ? 1_555 A G  5  N1 ? ? A C 21 A G  5   2_955 ? ? ? ? ? ? WATSON-CRICK  ?     ? ? 
hydrog39 hydrog ? ? A C 21 N4  ? ? ? 1_555 A G  5  O6 ? ? A C 21 A G  5   2_955 ? ? ? ? ? ? WATSON-CRICK  ?     ? ? 
hydrog40 hydrog ? ? A C 21 O2  ? ? ? 1_555 A G  5  N2 ? ? A C 21 A G  5   2_955 ? ? ? ? ? ? WATSON-CRICK  ?     ? ? 
hydrog41 hydrog ? ? A G 22 N1  ? ? ? 1_555 A C  4  N3 ? ? A G 22 A C  4   2_955 ? ? ? ? ? ? WATSON-CRICK  ?     ? ? 
hydrog42 hydrog ? ? A G 22 N2  ? ? ? 1_555 A C  4  O2 ? ? A G 22 A C  4   2_955 ? ? ? ? ? ? WATSON-CRICK  ?     ? ? 
hydrog43 hydrog ? ? A G 22 O6  ? ? ? 1_555 A C  4  N4 ? ? A G 22 A C  4   2_955 ? ? ? ? ? ? WATSON-CRICK  ?     ? ? 
hydrog44 hydrog ? ? A C 23 O2  ? ? ? 1_555 A G  3  N1 ? ? A C 23 A G  3   2_955 ? ? ? ? ? ? 'C-G PAIR'    ?     ? ? 
# 
loop_
_struct_conn_type.id 
_struct_conn_type.criteria 
_struct_conn_type.reference 
metalc ? ? 
hydrog ? ? 
# 
_atom_sites.entry_id                    7EDN 
_atom_sites.Cartn_transf_matrix[1][1]   ? 
_atom_sites.Cartn_transf_matrix[1][2]   ? 
_atom_sites.Cartn_transf_matrix[1][3]   ? 
_atom_sites.Cartn_transf_matrix[2][1]   ? 
_atom_sites.Cartn_transf_matrix[2][2]   ? 
_atom_sites.Cartn_transf_matrix[2][3]   ? 
_atom_sites.Cartn_transf_matrix[3][1]   ? 
_atom_sites.Cartn_transf_matrix[3][2]   ? 
_atom_sites.Cartn_transf_matrix[3][3]   ? 
_atom_sites.Cartn_transf_vector[1]      ? 
_atom_sites.Cartn_transf_vector[2]      ? 
_atom_sites.Cartn_transf_vector[3]      ? 
_atom_sites.fract_transf_matrix[1][1]   -0.01233520 
_atom_sites.fract_transf_matrix[1][2]   0.01524456 
_atom_sites.fract_transf_matrix[1][3]   -0.00394342 
_atom_sites.fract_transf_matrix[2][1]   -0.02764307 
_atom_sites.fract_transf_matrix[2][2]   -0.02240821 
_atom_sites.fract_transf_matrix[2][3]   -0.00015734 
_atom_sites.fract_transf_matrix[3][1]   -0.00696065 
_atom_sites.fract_transf_matrix[3][2]   0.00841225 
_atom_sites.fract_transf_matrix[3][3]   0.02485225 
_atom_sites.fract_transf_vector[1]      1.975840 
_atom_sites.fract_transf_vector[2]      -0.142721 
_atom_sites.fract_transf_vector[3]      -0.012147 
_atom_sites.solution_primary            ? 
_atom_sites.solution_secondary          ? 
_atom_sites.solution_hydrogens          ? 
_atom_sites.special_details             ? 
# 
loop_
_atom_type.symbol 
AG 
C  
CA 
N  
O  
P  
# 
loop_
_atom_site.group_PDB 
_atom_site.id 
_atom_site.type_symbol 
_atom_site.label_atom_id 
_atom_site.label_alt_id 
_atom_site.label_comp_id 
_atom_site.label_asym_id 
_atom_site.label_entity_id 
_atom_site.label_seq_id 
_atom_site.pdbx_PDB_ins_code 
_atom_site.Cartn_x 
_atom_site.Cartn_y 
_atom_site.Cartn_z 
_atom_site.occupancy 
_atom_site.B_iso_or_equiv 
_atom_site.pdbx_formal_charge 
_atom_site.auth_seq_id 
_atom_site.auth_comp_id 
_atom_site.auth_asym_id 
_atom_site.auth_atom_id 
_atom_site.pdbx_PDB_model_num 
ATOM   1   P  P     . U  A 1 2  ? -17.000 22.146  -3.640  1.00 116.13 ? 2   U  A P     1 
ATOM   2   O  OP1   . U  A 1 2  ? -17.546 21.181  -2.642  1.00 97.54  ? 2   U  A OP1   1 
ATOM   3   O  OP2   . U  A 1 2  ? -17.864 22.785  -4.675  1.00 90.21  ? 2   U  A OP2   1 
ATOM   4   O  "O5'" . U  A 1 2  ? -16.277 23.312  -2.836  1.00 106.19 ? 2   U  A "O5'" 1 
ATOM   5   C  "C5'" . U  A 1 2  ? -14.962 23.700  -3.189  1.00 106.76 ? 2   U  A "C5'" 1 
ATOM   6   C  "C4'" . U  A 1 2  ? -14.339 24.605  -2.158  1.00 105.18 ? 2   U  A "C4'" 1 
ATOM   7   O  "O4'" . U  A 1 2  ? -14.939 25.928  -2.210  1.00 90.78  ? 2   U  A "O4'" 1 
ATOM   8   C  "C3'" . U  A 1 2  ? -14.495 24.205  -0.699  1.00 105.98 ? 2   U  A "C3'" 1 
ATOM   9   O  "O3'" . U  A 1 2  ? -13.704 23.102  -0.251  1.00 110.44 ? 2   U  A "O3'" 1 
ATOM   10  C  "C2'" . U  A 1 2  ? -14.226 25.519  0.020   1.00 101.40 ? 2   U  A "C2'" 1 
ATOM   11  O  "O2'" . U  A 1 2  ? -12.841 25.825  0.015   1.00 97.83  ? 2   U  A "O2'" 1 
ATOM   12  C  "C1'" . U  A 1 2  ? -14.915 26.507  -0.919  1.00 98.63  ? 2   U  A "C1'" 1 
ATOM   13  N  N1    . U  A 1 2  ? -16.299 26.801  -0.492  1.00 103.39 ? 2   U  A N1    1 
ATOM   14  C  C2    . U  A 1 2  ? -16.422 27.705  0.546   1.00 105.01 ? 2   U  A C2    1 
ATOM   15  O  O2    . U  A 1 2  ? -15.460 28.223  1.089   1.00 97.97  ? 2   U  A O2    1 
ATOM   16  N  N3    . U  A 1 2  ? -17.710 27.979  0.927   1.00 113.13 ? 2   U  A N3    1 
ATOM   17  C  C4    . U  A 1 2  ? -18.861 27.451  0.386   1.00 113.56 ? 2   U  A C4    1 
ATOM   18  O  O4    . U  A 1 2  ? -19.945 27.810  0.851   1.00 104.81 ? 2   U  A O4    1 
ATOM   19  C  C5    . U  A 1 2  ? -18.650 26.517  -0.686  1.00 109.88 ? 2   U  A C5    1 
ATOM   20  C  C6    . U  A 1 2  ? -17.404 26.228  -1.081  1.00 103.52 ? 2   U  A C6    1 
ATOM   21  P  P     . G  A 1 3  ? -12.200 22.788  -0.749  1.00 103.03 ? 3   G  A P     1 
ATOM   22  O  OP1   . G  A 1 3  ? -11.637 23.774  -1.706  1.00 107.43 ? 3   G  A OP1   1 
ATOM   23  O  OP2   . G  A 1 3  ? -12.223 21.335  -1.063  1.00 90.04  ? 3   G  A OP2   1 
ATOM   24  O  "O5'" . G  A 1 3  ? -11.307 23.004  0.551   1.00 97.06  ? 3   G  A "O5'" 1 
ATOM   25  C  "C5'" . G  A 1 3  ? -10.461 24.141  0.657   1.00 92.24  ? 3   G  A "C5'" 1 
ATOM   26  C  "C4'" . G  A 1 3  ? -10.349 24.640  2.078   1.00 98.02  ? 3   G  A "C4'" 1 
ATOM   27  O  "O4'" . G  A 1 3  ? -11.648 25.033  2.603   1.00 106.36 ? 3   G  A "O4'" 1 
ATOM   28  C  "C3'" . G  A 1 3  ? -9.832  23.645  3.100   1.00 89.64  ? 3   G  A "C3'" 1 
ATOM   29  O  "O3'" . G  A 1 3  ? -8.431  23.507  3.045   1.00 92.36  ? 3   G  A "O3'" 1 
ATOM   30  C  "C2'" . G  A 1 3  ? -10.329 24.234  4.415   1.00 96.66  ? 3   G  A "C2'" 1 
ATOM   31  O  "O2'" . G  A 1 3  ? -9.496  25.312  4.821   1.00 94.91  ? 3   G  A "O2'" 1 
ATOM   32  C  "C1'" . G  A 1 3  ? -11.688 24.802  4.002   1.00 98.64  ? 3   G  A "C1'" 1 
ATOM   33  N  N9    . G  A 1 3  ? -12.797 23.872  4.299   1.00 93.61  ? 3   G  A N9    1 
ATOM   34  C  C8    . G  A 1 3  ? -13.537 23.220  3.346   1.00 96.20  ? 3   G  A C8    1 
ATOM   35  N  N7    . G  A 1 3  ? -14.454 22.450  3.843   1.00 94.14  ? 3   G  A N7    1 
ATOM   36  C  C5    . G  A 1 3  ? -14.339 22.611  5.213   1.00 88.41  ? 3   G  A C5    1 
ATOM   37  C  C6    . G  A 1 3  ? -15.094 22.015  6.251   1.00 81.12  ? 3   G  A C6    1 
ATOM   38  O  O6    . G  A 1 3  ? -16.033 21.223  6.144   1.00 82.75  ? 3   G  A O6    1 
ATOM   39  N  N1    . G  A 1 3  ? -14.658 22.422  7.504   1.00 79.32  ? 3   G  A N1    1 
ATOM   40  C  C2    . G  A 1 3  ? -13.625 23.295  7.726   1.00 81.51  ? 3   G  A C2    1 
ATOM   41  N  N2    . G  A 1 3  ? -13.367 23.556  9.015   1.00 76.56  ? 3   G  A N2    1 
ATOM   42  N  N3    . G  A 1 3  ? -12.909 23.866  6.760   1.00 85.19  ? 3   G  A N3    1 
ATOM   43  C  C4    . G  A 1 3  ? -13.316 23.483  5.525   1.00 89.35  ? 3   G  A C4    1 
ATOM   44  P  P     . C  A 1 4  ? -7.761  22.060  3.209   1.00 93.22  ? 4   C  A P     1 
ATOM   45  O  OP1   . C  A 1 4  ? -6.339  22.201  2.807   1.00 98.87  ? 4   C  A OP1   1 
ATOM   46  O  OP2   . C  A 1 4  ? -8.618  21.060  2.518   1.00 92.61  ? 4   C  A OP2   1 
ATOM   47  O  "O5'" . C  A 1 4  ? -7.832  21.804  4.782   1.00 94.24  ? 4   C  A "O5'" 1 
ATOM   48  C  "C5'" . C  A 1 4  ? -7.474  22.836  5.693   1.00 92.78  ? 4   C  A "C5'" 1 
ATOM   49  C  "C4'" . C  A 1 4  ? -7.984  22.582  7.092   1.00 89.75  ? 4   C  A "C4'" 1 
ATOM   50  O  "O4'" . C  A 1 4  ? -9.408  22.841  7.189   1.00 87.92  ? 4   C  A "O4'" 1 
ATOM   51  C  "C3'" . C  A 1 4  ? -7.857  21.169  7.620   1.00 86.32  ? 4   C  A "C3'" 1 
ATOM   52  O  "O3'" . C  A 1 4  ? -6.541  20.824  7.987   1.00 90.44  ? 4   C  A "O3'" 1 
ATOM   53  C  "C2'" . C  A 1 4  ? -8.830  21.184  8.783   1.00 81.36  ? 4   C  A "C2'" 1 
ATOM   54  O  "O2'" . C  A 1 4  ? -8.284  21.932  9.855   1.00 75.56  ? 4   C  A "O2'" 1 
ATOM   55  C  "C1'" . C  A 1 4  ? -9.970  22.004  8.185   1.00 82.83  ? 4   C  A "C1'" 1 
ATOM   56  N  N1    . C  A 1 4  ? -11.004 21.148  7.565   1.00 79.09  ? 4   C  A N1    1 
ATOM   57  C  C2    . C  A 1 4  ? -11.897 20.449  8.377   1.00 77.51  ? 4   C  A C2    1 
ATOM   58  O  O2    . C  A 1 4  ? -11.797 20.546  9.607   1.00 81.49  ? 4   C  A O2    1 
ATOM   59  N  N3    . C  A 1 4  ? -12.849 19.681  7.802   1.00 79.94  ? 4   C  A N3    1 
ATOM   60  C  C4    . C  A 1 4  ? -12.927 19.588  6.471   1.00 81.27  ? 4   C  A C4    1 
ATOM   61  N  N4    . C  A 1 4  ? -13.878 18.816  5.931   1.00 76.37  ? 4   C  A N4    1 
ATOM   62  C  C5    . C  A 1 4  ? -12.030 20.292  5.625   1.00 85.86  ? 4   C  A C5    1 
ATOM   63  C  C6    . C  A 1 4  ? -11.099 21.057  6.207   1.00 86.69  ? 4   C  A C6    1 
ATOM   64  P  P     . G  A 1 5  ? -6.009  19.348  7.670   1.00 94.10  ? 5   G  A P     1 
ATOM   65  O  OP1   . G  A 1 5  ? -4.590  19.330  8.106   1.00 93.57  ? 5   G  A OP1   1 
ATOM   66  O  OP2   . G  A 1 5  ? -6.333  18.986  6.262   1.00 89.22  ? 5   G  A OP2   1 
ATOM   67  O  "O5'" . G  A 1 5  ? -6.883  18.431  8.637   1.00 90.68  ? 5   G  A "O5'" 1 
ATOM   68  C  "C5'" . G  A 1 5  ? -6.556  18.339  10.014  1.00 93.12  ? 5   G  A "C5'" 1 
ATOM   69  C  "C4'" . G  A 1 5  ? -7.669  17.729  10.826  1.00 86.53  ? 5   G  A "C4'" 1 
ATOM   70  O  "O4'" . G  A 1 5  ? -8.937  18.318  10.451  1.00 71.88  ? 5   G  A "O4'" 1 
ATOM   71  C  "C3'" . G  A 1 5  ? -7.912  16.235  10.663  1.00 89.28  ? 5   G  A "C3'" 1 
ATOM   72  O  "O3'" . G  A 1 5  ? -6.970  15.417  11.338  1.00 93.80  ? 5   G  A "O3'" 1 
ATOM   73  C  "C2'" . G  A 1 5  ? -9.335  16.094  11.182  1.00 87.52  ? 5   G  A "C2'" 1 
ATOM   74  O  "O2'" . G  A 1 5  ? -9.372  16.154  12.600  1.00 85.53  ? 5   G  A "O2'" 1 
ATOM   75  C  "C1'" . G  A 1 5  ? -9.971  17.368  10.627  1.00 81.86  ? 5   G  A "C1'" 1 
ATOM   76  N  N9    . G  A 1 5  ? -10.611 17.108  9.329   1.00 81.39  ? 5   G  A N9    1 
ATOM   77  C  C8    . G  A 1 5  ? -10.202 17.499  8.074   1.00 83.54  ? 5   G  A C8    1 
ATOM   78  N  N7    . G  A 1 5  ? -11.008 17.082  7.130   1.00 80.70  ? 5   G  A N7    1 
ATOM   79  C  C5    . G  A 1 5  ? -11.992 16.373  7.810   1.00 75.17  ? 5   G  A C5    1 
ATOM   80  C  C6    . G  A 1 5  ? -13.132 15.692  7.326   1.00 74.39  ? 5   G  A C6    1 
ATOM   81  O  O6    . G  A 1 5  ? -13.510 15.566  6.157   1.00 73.75  ? 5   G  A O6    1 
ATOM   82  N  N1    . G  A 1 5  ? -13.854 15.114  8.360   1.00 76.62  ? 5   G  A N1    1 
ATOM   83  C  C2    . G  A 1 5  ? -13.517 15.178  9.691   1.00 82.59  ? 5   G  A C2    1 
ATOM   84  N  N2    . G  A 1 5  ? -14.338 14.547  10.548  1.00 83.13  ? 5   G  A N2    1 
ATOM   85  N  N3    . G  A 1 5  ? -12.457 15.815  10.152  1.00 76.36  ? 5   G  A N3    1 
ATOM   86  C  C4    . G  A 1 5  ? -11.754 16.378  9.162   1.00 71.79  ? 5   G  A C4    1 
ATOM   87  P  P     . U  A 1 6  ? -6.410  14.074  10.644  1.00 96.27  ? 6   U  A P     1 
ATOM   88  O  OP1   . U  A 1 6  ? -5.038  13.807  11.163  1.00 85.18  ? 6   U  A OP1   1 
ATOM   89  O  OP2   . U  A 1 6  ? -6.667  14.168  9.185   1.00 89.57  ? 6   U  A OP2   1 
ATOM   90  O  "O5'" . U  A 1 6  ? -7.355  12.939  11.215  1.00 84.13  ? 6   U  A "O5'" 1 
ATOM   91  C  "C5'" . U  A 1 6  ? -7.876  13.034  12.527  1.00 84.16  ? 6   U  A "C5'" 1 
ATOM   92  C  "C4'" . U  A 1 6  ? -9.075  12.150  12.639  1.00 83.30  ? 6   U  A "C4'" 1 
ATOM   93  O  "O4'" . U  A 1 6  ? -10.216 12.849  12.081  1.00 92.74  ? 6   U  A "O4'" 1 
ATOM   94  C  "C3'" . U  A 1 6  ? -8.967  10.887  11.805  1.00 78.51  ? 6   U  A "C3'" 1 
ATOM   95  O  "O3'" . U  A 1 6  ? -8.273  9.849   12.463  1.00 82.73  ? 6   U  A "O3'" 1 
ATOM   96  C  "C2'" . U  A 1 6  ? -10.416 10.569  11.474  1.00 84.55  ? 6   U  A "C2'" 1 
ATOM   97  O  "O2'" . U  A 1 6  ? -11.067 9.958   12.578  1.00 92.54  ? 6   U  A "O2'" 1 
ATOM   98  C  "C1'" . U  A 1 6  ? -10.986 11.969  11.289  1.00 86.85  ? 6   U  A "C1'" 1 
ATOM   99  N  N1    . U  A 1 6  ? -10.894 12.425  9.881   1.00 86.46  ? 6   U  A N1    1 
ATOM   100 C  C2    . U  A 1 6  ? -11.824 11.944  8.988   1.00 78.59  ? 6   U  A C2    1 
ATOM   101 O  O2    . U  A 1 6  ? -12.702 11.149  9.302   1.00 71.42  ? 6   U  A O2    1 
ATOM   102 N  N3    . U  A 1 6  ? -11.657 12.435  7.712   1.00 72.16  ? 6   U  A N3    1 
ATOM   103 C  C4    . U  A 1 6  ? -10.709 13.319  7.245   1.00 68.11  ? 6   U  A C4    1 
ATOM   104 O  O4    . U  A 1 6  ? -10.719 13.639  6.058   1.00 69.28  ? 6   U  A O4    1 
ATOM   105 C  C5    . U  A 1 6  ? -9.787  13.774  8.230   1.00 73.65  ? 6   U  A C5    1 
ATOM   106 C  C6    . U  A 1 6  ? -9.917  13.315  9.476   1.00 82.66  ? 6   U  A C6    1 
ATOM   107 P  P     . C  A 1 7  ? -7.448  8.783   11.594  1.00 90.27  ? 7   C  A P     1 
ATOM   108 O  OP1   . C  A 1 7  ? -6.515  8.009   12.458  1.00 87.01  ? 7   C  A OP1   1 
ATOM   109 O  OP2   . C  A 1 7  ? -6.942  9.496   10.397  1.00 89.19  ? 7   C  A OP2   1 
ATOM   110 O  "O5'" . C  A 1 7  ? -8.574  7.789   11.101  1.00 80.85  ? 7   C  A "O5'" 1 
ATOM   111 C  "C5'" . C  A 1 7  ? -9.457  7.178   12.021  1.00 75.33  ? 7   C  A "C5'" 1 
ATOM   112 C  "C4'" . C  A 1 7  ? -10.541 6.470   11.274  1.00 71.18  ? 7   C  A "C4'" 1 
ATOM   113 O  "O4'" . C  A 1 7  ? -11.391 7.465   10.649  1.00 80.87  ? 7   C  A "O4'" 1 
ATOM   114 C  "C3'" . C  A 1 7  ? -10.064 5.618   10.109  1.00 78.84  ? 7   C  A "C3'" 1 
ATOM   115 O  "O3'" . C  A 1 7  ? -9.592  4.333   10.494  1.00 72.89  ? 7   C  A "O3'" 1 
ATOM   116 C  "C2'" . C  A 1 7  ? -11.290 5.590   9.210   1.00 80.72  ? 7   C  A "C2'" 1 
ATOM   117 O  "O2'" . C  A 1 7  ? -12.264 4.709   9.750   1.00 88.20  ? 7   C  A "O2'" 1 
ATOM   118 C  "C1'" . C  A 1 7  ? -11.809 7.014   9.378   1.00 70.51  ? 7   C  A "C1'" 1 
ATOM   119 N  N1    . C  A 1 7  ? -11.300 7.952   8.342   1.00 70.56  ? 7   C  A N1    1 
ATOM   120 C  C2    . C  A 1 7  ? -11.925 7.985   7.089   1.00 69.28  ? 7   C  A C2    1 
ATOM   121 O  O2    . C  A 1 7  ? -12.864 7.208   6.872   1.00 73.06  ? 7   C  A O2    1 
ATOM   122 N  N3    . C  A 1 7  ? -11.493 8.846   6.137   1.00 57.81  ? 7   C  A N3    1 
ATOM   123 C  C4    . C  A 1 7  ? -10.481 9.663   6.393   1.00 59.07  ? 7   C  A C4    1 
ATOM   124 N  N4    . C  A 1 7  ? -10.092 10.485  5.420   1.00 60.18  ? 7   C  A N4    1 
ATOM   125 C  C5    . C  A 1 7  ? -9.826  9.667   7.656   1.00 67.73  ? 7   C  A C5    1 
ATOM   126 C  C6    . C  A 1 7  ? -10.265 8.810   8.588   1.00 70.54  ? 7   C  A C6    1 
ATOM   127 P  P     . G  A 1 8  ? -8.641  3.481   9.515   1.00 82.39  ? 8   G  A P     1 
ATOM   128 O  OP1   . G  A 1 8  ? -8.574  2.088   10.020  1.00 94.08  ? 8   G  A OP1   1 
ATOM   129 O  OP2   . G  A 1 8  ? -7.412  4.270   9.235   1.00 78.39  ? 8   G  A OP2   1 
ATOM   130 O  "O5'" . G  A 1 8  ? -9.447  3.411   8.153   1.00 80.74  ? 8   G  A "O5'" 1 
ATOM   131 C  "C5'" . G  A 1 8  ? -9.259  2.367   7.215   1.00 72.69  ? 8   G  A "C5'" 1 
ATOM   132 C  "C4'" . G  A 1 8  ? -10.504 2.259   6.382   1.00 77.07  ? 8   G  A "C4'" 1 
ATOM   133 O  "O4'" . G  A 1 8  ? -11.198 3.534   6.427   1.00 71.13  ? 8   G  A "O4'" 1 
ATOM   134 C  "C3'" . G  A 1 8  ? -10.324 1.992   4.899   1.00 69.57  ? 8   G  A "C3'" 1 
ATOM   135 O  "O3'" . G  A 1 8  ? -10.151 0.625   4.607   1.00 69.95  ? 8   G  A "O3'" 1 
ATOM   136 C  "C2'" . G  A 1 8  ? -11.605 2.557   4.308   1.00 68.51  ? 8   G  A "C2'" 1 
ATOM   137 O  "O2'" . G  A 1 8  ? -12.689 1.665   4.528   1.00 71.06  ? 8   G  A "O2'" 1 
ATOM   138 C  "C1'" . G  A 1 8  ? -11.815 3.787   5.182   1.00 76.13  ? 8   G  A "C1'" 1 
ATOM   139 N  N9    . G  A 1 8  ? -11.236 5.008   4.574   1.00 70.33  ? 8   G  A N9    1 
ATOM   140 C  C8    . G  A 1 8  ? -11.666 5.558   3.391   1.00 66.85  ? 8   G  A C8    1 
ATOM   141 N  N7    . G  A 1 8  ? -11.006 6.624   3.047   1.00 68.18  ? 8   G  A N7    1 
ATOM   142 C  C5    . G  A 1 8  ? -10.074 6.795   4.060   1.00 66.24  ? 8   G  A C5    1 
ATOM   143 C  C6    . G  A 1 8  ? -9.077  7.798   4.210   1.00 68.17  ? 8   G  A C6    1 
ATOM   144 O  O6    . G  A 1 8  ? -8.841  8.762   3.459   1.00 63.26  ? 8   G  A O6    1 
ATOM   145 N  N1    . G  A 1 8  ? -8.334  7.596   5.374   1.00 68.51  ? 8   G  A N1    1 
ATOM   146 C  C2    . G  A 1 8  ? -8.540  6.569   6.266   1.00 65.42  ? 8   G  A C2    1 
ATOM   147 N  N2    . G  A 1 8  ? -7.741  6.544   7.333   1.00 64.03  ? 8   G  A N2    1 
ATOM   148 N  N3    . G  A 1 8  ? -9.463  5.637   6.135   1.00 63.84  ? 8   G  A N3    1 
ATOM   149 C  C4    . G  A 1 8  ? -10.188 5.797   5.008   1.00 64.11  ? 8   G  A C4    1 
ATOM   150 P  P     . C  A 1 9  ? -9.072  0.167   3.521   1.00 77.73  ? 9   C  A P     1 
ATOM   151 O  OP1   . C  A 1 9  ? -9.165  -1.312  3.414   1.00 76.78  ? 9   C  A OP1   1 
ATOM   152 O  OP2   . C  A 1 9  ? -7.786  0.812   3.903   1.00 77.23  ? 9   C  A OP2   1 
ATOM   153 O  "O5'" . C  A 1 9  ? -9.584  0.822   2.159   1.00 70.85  ? 9   C  A "O5'" 1 
ATOM   154 C  "C5'" . C  A 1 9  ? -10.905 0.620   1.682   1.00 61.40  ? 9   C  A "C5'" 1 
ATOM   155 C  "C4'" . C  A 1 9  ? -11.160 1.459   0.460   1.00 67.82  ? 9   C  A "C4'" 1 
ATOM   156 O  "O4'" . C  A 1 9  ? -11.392 2.852   0.823   1.00 66.01  ? 9   C  A "O4'" 1 
ATOM   157 C  "C3'" . C  A 1 9  ? -10.001 1.533   -0.513  1.00 70.18  ? 9   C  A "C3'" 1 
ATOM   158 O  "O3'" . C  A 1 9  ? -9.879  0.380   -1.319  1.00 65.77  ? 9   C  A "O3'" 1 
ATOM   159 C  "C2'" . C  A 1 9  ? -10.303 2.808   -1.289  1.00 64.41  ? 9   C  A "C2'" 1 
ATOM   160 O  "O2'" . C  A 1 9  ? -11.338 2.561   -2.230  1.00 78.53  ? 9   C  A "O2'" 1 
ATOM   161 C  "C1'" . C  A 1 9  ? -10.861 3.703   -0.183  1.00 59.22  ? 9   C  A "C1'" 1 
ATOM   162 N  N1    . C  A 1 9  ? -9.816  4.572   0.418   1.00 57.19  ? 9   C  A N1    1 
ATOM   163 C  C2    . C  A 1 9  ? -9.434  5.789   -0.178  1.00 55.73  ? 9   C  A C2    1 
ATOM   164 O  O2    . C  A 1 9  ? -9.976  6.149   -1.225  1.00 65.03  ? 9   C  A O2    1 
ATOM   165 N  N3    . C  A 1 9  ? -8.480  6.563   0.396   1.00 46.71  ? 9   C  A N3    1 
ATOM   166 C  C4    . C  A 1 9  ? -7.915  6.145   1.535   1.00 52.82  ? 9   C  A C4    1 
ATOM   167 N  N4    . C  A 1 9  ? -6.983  6.895   2.110   1.00 49.67  ? 9   C  A N4    1 
ATOM   168 C  C5    . C  A 1 9  ? -8.274  4.923   2.165   1.00 55.77  ? 9   C  A C5    1 
ATOM   169 C  C6    . C  A 1 9  ? -9.216  4.181   1.582   1.00 60.25  ? 9   C  A C6    1 
ATOM   170 P  P     . G  A 1 10 ? -8.439  -0.039  -1.881  1.00 69.65  ? 10  G  A P     1 
ATOM   171 O  OP1   . G  A 1 10 ? -8.515  -1.395  -2.491  1.00 70.16  ? 10  G  A OP1   1 
ATOM   172 O  OP2   . G  A 1 10 ? -7.462  0.288   -0.807  1.00 68.14  ? 10  G  A OP2   1 
ATOM   173 O  "O5'" . G  A 1 10 ? -8.198  0.968   -3.086  1.00 75.58  ? 10  G  A "O5'" 1 
ATOM   174 C  "C5'" . G  A 1 10 ? -9.175  1.147   -4.098  1.00 64.85  ? 10  G  A "C5'" 1 
ATOM   175 C  "C4'" . G  A 1 10 ? -8.839  2.340   -4.947  1.00 59.24  ? 10  G  A "C4'" 1 
ATOM   176 O  "O4'" . G  A 1 10 ? -8.952  3.546   -4.154  1.00 51.38  ? 10  G  A "O4'" 1 
ATOM   177 C  "C3'" . G  A 1 10 ? -7.410  2.381   -5.454  1.00 61.86  ? 10  G  A "C3'" 1 
ATOM   178 O  "O3'" . G  A 1 10 ? -7.187  1.559   -6.584  1.00 66.26  ? 10  G  A "O3'" 1 
ATOM   179 C  "C2'" . G  A 1 10 ? -7.193  3.865   -5.704  1.00 54.15  ? 10  G  A "C2'" 1 
ATOM   180 O  "O2'" . G  A 1 10 ? -7.843  4.274   -6.895  1.00 50.66  ? 10  G  A "O2'" 1 
ATOM   181 C  "C1'" . G  A 1 10 ? -7.953  4.470   -4.535  1.00 50.38  ? 10  G  A "C1'" 1 
ATOM   182 N  N9    . G  A 1 10 ? -7.087  4.741   -3.368  1.00 54.09  ? 10  G  A N9    1 
ATOM   183 C  C8    . G  A 1 10 ? -6.951  3.942   -2.254  1.00 55.81  ? 10  G  A C8    1 
ATOM   184 N  N7    . G  A 1 10 ? -6.137  4.436   -1.367  1.00 50.38  ? 10  G  A N7    1 
ATOM   185 C  C5    . G  A 1 10 ? -5.718  5.638   -1.928  1.00 44.64  ? 10  G  A C5    1 
ATOM   186 C  C6    . G  A 1 10 ? -4.829  6.608   -1.419  1.00 45.66  ? 10  G  A C6    1 
ATOM   187 O  O6    . G  A 1 10 ? -4.239  6.586   -0.340  1.00 43.17  ? 10  G  A O6    1 
ATOM   188 N  N1    . G  A 1 10 ? -4.654  7.673   -2.297  1.00 42.97  ? 10  G  A N1    1 
ATOM   189 C  C2    . G  A 1 10 ? -5.259  7.794   -3.515  1.00 43.62  ? 10  G  A C2    1 
ATOM   190 N  N2    . G  A 1 10 ? -4.964  8.909   -4.208  1.00 45.99  ? 10  G  A N2    1 
ATOM   191 N  N3    . G  A 1 10 ? -6.104  6.901   -4.001  1.00 43.59  ? 10  G  A N3    1 
ATOM   192 C  C4    . G  A 1 10 ? -6.287  5.852   -3.159  1.00 48.13  ? 10  G  A C4    1 
ATOM   193 P  P     . U  A 1 11 ? -5.836  0.709   -6.679  1.00 63.71  ? 11  U  A P     1 
ATOM   194 O  OP1   . U  A 1 11 ? -5.908  -0.222  -7.833  1.00 87.88  ? 11  U  A OP1   1 
ATOM   195 O  OP2   . U  A 1 11 ? -5.601  0.198   -5.300  1.00 66.41  ? 11  U  A OP2   1 
ATOM   196 O  "O5'" . U  A 1 11 ? -4.723  1.793   -7.037  1.00 72.64  ? 11  U  A "O5'" 1 
ATOM   197 C  "C5'" . U  A 1 11 ? -4.809  2.575   -8.221  1.00 62.92  ? 11  U  A "C5'" 1 
ATOM   198 C  "C4'" . U  A 1 11 ? -3.972  3.830   -8.130  1.00 60.27  ? 11  U  A "C4'" 1 
ATOM   199 O  "O4'" . U  A 1 11 ? -4.401  4.626   -6.991  1.00 60.44  ? 11  U  A "O4'" 1 
ATOM   200 C  "C3'" . U  A 1 11 ? -2.475  3.654   -7.905  1.00 63.66  ? 11  U  A "C3'" 1 
ATOM   201 O  "O3'" . U  A 1 11 ? -1.773  3.330   -9.100  1.00 74.28  ? 11  U  A "O3'" 1 
ATOM   202 C  "C2'" . U  A 1 11 ? -2.085  5.011   -7.340  1.00 63.48  ? 11  U  A "C2'" 1 
ATOM   203 O  "O2'" . U  A 1 11 ? -2.063  5.963   -8.393  1.00 64.46  ? 11  U  A "O2'" 1 
ATOM   204 C  "C1'" . U  A 1 11 ? -3.296  5.329   -6.455  1.00 62.94  ? 11  U  A "C1'" 1 
ATOM   205 N  N1    . U  A 1 11 ? -3.111  4.941   -5.023  1.00 56.56  ? 11  U  A N1    1 
ATOM   206 C  C2    . U  A 1 11 ? -2.333  5.745   -4.194  1.00 51.36  ? 11  U  A C2    1 
ATOM   207 O  O2    . U  A 1 11 ? -1.780  6.745   -4.604  1.00 52.32  ? 11  U  A O2    1 
ATOM   208 N  N3    . U  A 1 11 ? -2.213  5.341   -2.883  1.00 41.39  ? 11  U  A N3    1 
ATOM   209 C  C4    . U  A 1 11 ? -2.788  4.222   -2.328  1.00 45.10  ? 11  U  A C4    1 
ATOM   210 O  O4    . U  A 1 11 ? -2.602  3.958   -1.143  1.00 48.27  ? 11  U  A O4    1 
ATOM   211 C  C5    . U  A 1 11 ? -3.584  3.448   -3.227  1.00 43.84  ? 11  U  A C5    1 
ATOM   212 C  C6    . U  A 1 11 ? -3.714  3.826   -4.500  1.00 47.92  ? 11  U  A C6    1 
ATOM   213 P  P     . C  A 1 12 ? -0.864  2.002   -9.222  1.00 74.24  ? 12  C  A P     1 
ATOM   214 O  OP1   . C  A 1 12 ? -0.983  1.562   -10.642 1.00 78.03  ? 12  C  A OP1   1 
ATOM   215 O  OP2   . C  A 1 12 ? -1.113  1.081   -8.086  1.00 59.04  ? 12  C  A OP2   1 
ATOM   216 O  "O5'" . C  A 1 12 ? 0.621   2.524   -9.006  1.00 68.66  ? 12  C  A "O5'" 1 
ATOM   217 C  "C5'" . C  A 1 12 ? 1.068   3.698   -9.658  1.00 57.95  ? 12  C  A "C5'" 1 
ATOM   218 C  "C4'" . C  A 1 12 ? 1.820   4.592   -8.712  1.00 60.13  ? 12  C  A "C4'" 1 
ATOM   219 O  "O4'" . C  A 1 12 ? 0.957   5.098   -7.658  1.00 59.37  ? 12  C  A "O4'" 1 
ATOM   220 C  "C3'" . C  A 1 12 ? 2.966   3.975   -7.940  1.00 56.58  ? 12  C  A "C3'" 1 
ATOM   221 O  "O3'" . C  A 1 12 ? 4.112   3.738   -8.742  1.00 67.79  ? 12  C  A "O3'" 1 
ATOM   222 C  "C2'" . C  A 1 12 ? 3.195   5.021   -6.862  1.00 53.59  ? 12  C  A "C2'" 1 
ATOM   223 O  "O2'" . C  A 1 12 ? 3.857   6.143   -7.425  1.00 49.98  ? 12  C  A "O2'" 1 
ATOM   224 C  "C1'" . C  A 1 12 ? 1.753   5.430   -6.535  1.00 57.43  ? 12  C  A "C1'" 1 
ATOM   225 N  N1    . C  A 1 12 ? 1.266   4.731   -5.321  1.00 57.24  ? 12  C  A N1    1 
ATOM   226 C  C2    . C  A 1 12 ? 1.614   5.267   -4.054  1.00 53.94  ? 12  C  A C2    1 
ATOM   227 O  O2    . C  A 1 12 ? 2.269   6.311   -3.978  1.00 55.22  ? 12  C  A O2    1 
ATOM   228 N  N3    . C  A 1 12 ? 1.231   4.659   -2.915  1.00 46.92  ? 12  C  A N3    1 
ATOM   229 C  C4    . C  A 1 12 ? 0.509   3.541   -3.015  1.00 49.55  ? 12  C  A C4    1 
ATOM   230 N  N4    . C  A 1 12 ? 0.131   2.954   -1.876  1.00 43.45  ? 12  C  A N4    1 
ATOM   231 C  C5    . C  A 1 12 ? 0.143   2.973   -4.274  1.00 46.06  ? 12  C  A C5    1 
ATOM   232 C  C6    . C  A 1 12 ? 0.542   3.582   -5.396  1.00 50.67  ? 12  C  A C6    1 
ATOM   233 P  P     . G  A 1 13 ? 5.144   2.550   -8.390  1.00 52.40  ? 13  G  A P     1 
ATOM   234 O  OP1   . G  A 1 13 ? 6.099   2.444   -9.521  1.00 66.45  ? 13  G  A OP1   1 
ATOM   235 O  OP2   . G  A 1 13 ? 4.362   1.343   -8.016  1.00 60.22  ? 13  G  A OP2   1 
ATOM   236 O  "O5'" . G  A 1 13 ? 5.944   3.080   -7.119  1.00 53.94  ? 13  G  A "O5'" 1 
ATOM   237 C  "C5'" . G  A 1 13 ? 6.617   4.332   -7.149  1.00 52.57  ? 13  G  A "C5'" 1 
ATOM   238 C  "C4'" . G  A 1 13 ? 7.092   4.726   -5.775  1.00 45.08  ? 13  G  A "C4'" 1 
ATOM   239 O  "O4'" . G  A 1 13 ? 5.963   5.040   -4.910  1.00 48.53  ? 13  G  A "O4'" 1 
ATOM   240 C  "C3'" . G  A 1 13 ? 7.835   3.642   -5.025  1.00 51.90  ? 13  G  A "C3'" 1 
ATOM   241 O  "O3'" . G  A 1 13 ? 9.175   3.513   -5.472  1.00 61.86  ? 13  G  A "O3'" 1 
ATOM   242 C  "C2'" . G  A 1 13 ? 7.683   4.089   -3.569  1.00 58.26  ? 13  G  A "C2'" 1 
ATOM   243 O  "O2'" . G  A 1 13 ? 8.601   5.122   -3.241  1.00 54.04  ? 13  G  A "O2'" 1 
ATOM   244 C  "C1'" . G  A 1 13 ? 6.273   4.692   -3.575  1.00 50.59  ? 13  G  A "C1'" 1 
ATOM   245 N  N9    . G  A 1 13 ? 5.252   3.748   -3.062  1.00 51.39  ? 13  G  A N9    1 
ATOM   246 C  C8    . G  A 1 13 ? 4.449   2.927   -3.809  1.00 43.60  ? 13  G  A C8    1 
ATOM   247 N  N7    . G  A 1 13 ? 3.655   2.210   -3.074  1.00 39.42  ? 13  G  A N7    1 
ATOM   248 C  C5    . G  A 1 13 ? 3.953   2.562   -1.769  1.00 35.19  ? 13  G  A C5    1 
ATOM   249 C  C6    . G  A 1 13 ? 3.401   2.126   -0.552  1.00 39.72  ? 13  G  A C6    1 
ATOM   250 O  O6    . G  A 1 13 ? 2.516   1.302   -0.373  1.00 45.85  ? 13  G  A O6    1 
ATOM   251 N  N1    . G  A 1 13 ? 3.962   2.720   0.550   1.00 39.80  ? 13  G  A N1    1 
ATOM   252 C  C2    . G  A 1 13 ? 4.948   3.642   0.473   1.00 42.66  ? 13  G  A C2    1 
ATOM   253 N  N2    . G  A 1 13 ? 5.380   4.126   1.644   1.00 46.83  ? 13  G  A N2    1 
ATOM   254 N  N3    . G  A 1 13 ? 5.459   4.074   -0.655  1.00 42.29  ? 13  G  A N3    1 
ATOM   255 C  C4    . G  A 1 13 ? 4.933   3.495   -1.738  1.00 40.34  ? 13  G  A C4    1 
ATOM   256 P  P     . A  A 1 14 ? 9.988   2.137   -5.309  1.00 56.55  ? 14  A  A P     1 
ATOM   257 O  OP1   . A  A 1 14 ? 11.333  2.361   -5.890  1.00 63.50  ? 14  A  A OP1   1 
ATOM   258 O  OP2   . A  A 1 14 ? 9.174   0.967   -5.743  1.00 49.61  ? 14  A  A OP2   1 
ATOM   259 O  "O5'" . A  A 1 14 ? 10.289  2.069   -3.757  1.00 55.40  ? 14  A  A "O5'" 1 
ATOM   260 C  "C5'" . A  A 1 14 ? 11.320  2.865   -3.201  1.00 54.54  ? 14  A  A "C5'" 1 
ATOM   261 C  "C4'" . A  A 1 14 ? 11.304  2.786   -1.700  1.00 53.38  ? 14  A  A "C4'" 1 
ATOM   262 O  "O4'" . A  A 1 14 ? 9.987   3.160   -1.232  1.00 60.97  ? 14  A  A "O4'" 1 
ATOM   263 C  "C3'" . A  A 1 14 ? 11.521  1.408   -1.102  1.00 50.50  ? 14  A  A "C3'" 1 
ATOM   264 O  "O3'" . A  A 1 14 ? 12.886  1.040   -1.042  1.00 51.08  ? 14  A  A "O3'" 1 
ATOM   265 C  "C2'" . A  A 1 14 ? 10.854  1.543   0.258   1.00 50.75  ? 14  A  A "C2'" 1 
ATOM   266 O  "O2'" . A  A 1 14 ? 11.667  2.309   1.140   1.00 50.52  ? 14  A  A "O2'" 1 
ATOM   267 C  "C1'" . A  A 1 14 ? 9.639   2.386   -0.103  1.00 56.17  ? 14  A  A "C1'" 1 
ATOM   268 N  N9    . A  A 1 14 ? 8.449   1.572   -0.443  1.00 53.64  ? 14  A  A N9    1 
ATOM   269 C  C8    . A  A 1 14 ? 7.995   1.184   -1.689  1.00 51.86  ? 14  A  A C8    1 
ATOM   270 N  N7    . A  A 1 14 ? 6.894   0.461   -1.669  1.00 49.59  ? 14  A  A N7    1 
ATOM   271 C  C5    . A  A 1 14 ? 6.598   0.383   -0.316  1.00 42.57  ? 14  A  A C5    1 
ATOM   272 C  C6    . A  A 1 14 ? 5.554   -0.233  0.370   1.00 42.44  ? 14  A  A C6    1 
ATOM   273 N  N6    . A  A 1 14 ? 4.576   -0.899  -0.231  1.00 41.58  ? 14  A  A N6    1 
ATOM   274 N  N1    . A  A 1 14 ? 5.544   -0.132  1.717   1.00 47.83  ? 14  A  A N1    1 
ATOM   275 C  C2    . A  A 1 14 ? 6.528   0.553   2.319   1.00 49.12  ? 14  A  A C2    1 
ATOM   276 N  N3    . A  A 1 14 ? 7.567   1.186   1.786   1.00 46.63  ? 14  A  A N3    1 
ATOM   277 C  C4    . A  A 1 14 ? 7.535   1.062   0.448   1.00 46.20  ? 14  A  A C4    1 
ATOM   278 P  P     . C  A 1 15 ? 13.335  -0.484  -1.287  1.00 53.74  ? 15  C  A P     1 
ATOM   279 O  OP1   . C  A 1 15 ? 14.822  -0.404  -1.348  1.00 74.39  ? 15  C  A OP1   1 
ATOM   280 O  OP2   . C  A 1 15 ? 12.598  -1.183  -2.379  1.00 50.56  ? 15  C  A OP2   1 
ATOM   281 O  "O5'" . C  A 1 15 ? 12.922  -1.196  0.065   1.00 46.29  ? 15  C  A "O5'" 1 
ATOM   282 C  "C5'" . C  A 1 15 ? 13.339  -0.626  1.289   1.00 51.10  ? 15  C  A "C5'" 1 
ATOM   283 C  "C4'" . C  A 1 15 ? 12.543  -1.185  2.420   1.00 50.53  ? 15  C  A "C4'" 1 
ATOM   284 O  "O4'" . C  A 1 15 ? 11.181  -0.709  2.323   1.00 44.01  ? 15  C  A "O4'" 1 
ATOM   285 C  "C3'" . C  A 1 15 ? 12.388  -2.693  2.427   1.00 44.83  ? 15  C  A "C3'" 1 
ATOM   286 O  "O3'" . C  A 1 15 ? 13.538  -3.383  2.890   1.00 43.01  ? 15  C  A "O3'" 1 
ATOM   287 C  "C2'" . C  A 1 15 ? 11.154  -2.866  3.295   1.00 46.51  ? 15  C  A "C2'" 1 
ATOM   288 O  "O2'" . C  A 1 15 ? 11.470  -2.583  4.648   1.00 42.66  ? 15  C  A "O2'" 1 
ATOM   289 C  "C1'" . C  A 1 15 ? 10.298  -1.704  2.800   1.00 42.79  ? 15  C  A "C1'" 1 
ATOM   290 N  N1    . C  A 1 15 ? 9.358   -2.103  1.721   1.00 41.94  ? 15  C  A N1    1 
ATOM   291 C  C2    . C  A 1 15 ? 8.131   -2.637  2.112   1.00 44.55  ? 15  C  A C2    1 
ATOM   292 O  O2    . C  A 1 15 ? 7.889   -2.753  3.319   1.00 47.27  ? 15  C  A O2    1 
ATOM   293 N  N3    . C  A 1 15 ? 7.224   -3.018  1.193   1.00 44.07  ? 15  C  A N3    1 
ATOM   294 C  C4    . C  A 1 15 ? 7.502   -2.892  -0.099  1.00 46.09  ? 15  C  A C4    1 
ATOM   295 N  N4    . C  A 1 15 ? 6.563   -3.290  -0.970  1.00 40.13  ? 15  C  A N4    1 
ATOM   296 C  C5    . C  A 1 15 ? 8.747   -2.349  -0.535  1.00 43.05  ? 15  C  A C5    1 
ATOM   297 C  C6    . C  A 1 15 ? 9.636   -1.969  0.394   1.00 43.22  ? 15  C  A C6    1 
ATOM   298 P  P     . G  A 1 16 ? 13.818  -4.890  2.385   1.00 56.45  ? 16  G  A P     1 
ATOM   299 O  OP1   . G  A 1 16 ? 15.131  -5.325  2.893   1.00 62.49  ? 16  G  A OP1   1 
ATOM   300 O  OP2   . G  A 1 16 ? 13.509  -5.041  0.940   1.00 53.80  ? 16  G  A OP2   1 
ATOM   301 O  "O5'" . G  A 1 16 ? 12.737  -5.752  3.150   1.00 50.19  ? 16  G  A "O5'" 1 
ATOM   302 C  "C5'" . G  A 1 16 ? 12.721  -5.820  4.563   1.00 51.18  ? 16  G  A "C5'" 1 
ATOM   303 C  "C4'" . G  A 1 16 ? 11.555  -6.655  5.011   1.00 53.43  ? 16  G  A "C4'" 1 
ATOM   304 O  "O4'" . G  A 1 16 ? 10.316  -5.982  4.681   1.00 50.75  ? 16  G  A "O4'" 1 
ATOM   305 C  "C3'" . G  A 1 16 ? 11.432  -7.998  4.318   1.00 50.66  ? 16  G  A "C3'" 1 
ATOM   306 O  "O3'" . G  A 1 16 ? 12.286  -8.978  4.885   1.00 56.01  ? 16  G  A "O3'" 1 
ATOM   307 C  "C2'" . G  A 1 16 ? 9.959   -8.313  4.468   1.00 50.67  ? 16  G  A "C2'" 1 
ATOM   308 O  "O2'" . G  A 1 16 ? 9.705   -8.740  5.795   1.00 62.54  ? 16  G  A "O2'" 1 
ATOM   309 C  "C1'" . G  A 1 16 ? 9.341   -6.932  4.300   1.00 51.75  ? 16  G  A "C1'" 1 
ATOM   310 N  N9    . G  A 1 16 ? 8.915   -6.649  2.909   1.00 52.19  ? 16  G  A N9    1 
ATOM   311 C  C8    . G  A 1 16 ? 9.628   -5.952  1.957   1.00 49.42  ? 16  G  A C8    1 
ATOM   312 N  N7    . G  A 1 16 ? 8.998   -5.841  0.815   1.00 48.41  ? 16  G  A N7    1 
ATOM   313 C  C5    . G  A 1 16 ? 7.781   -6.486  1.022   1.00 42.14  ? 16  G  A C5    1 
ATOM   314 C  C6    . G  A 1 16 ? 6.684   -6.678  0.133   1.00 43.47  ? 16  G  A C6    1 
ATOM   315 O  O6    . G  A 1 16 ? 6.553   -6.316  -1.053  1.00 45.26  ? 16  G  A O6    1 
ATOM   316 N  N1    . G  A 1 16 ? 5.654   -7.380  0.744   1.00 46.87  ? 16  G  A N1    1 
ATOM   317 C  C2    . G  A 1 16 ? 5.680   -7.851  2.037   1.00 49.98  ? 16  G  A C2    1 
ATOM   318 N  N2    . G  A 1 16 ? 4.575   -8.508  2.424   1.00 48.45  ? 16  G  A N2    1 
ATOM   319 N  N3    . G  A 1 16 ? 6.696   -7.685  2.879   1.00 47.41  ? 16  G  A N3    1 
ATOM   320 C  C4    . G  A 1 16 ? 7.710   -6.987  2.310   1.00 47.24  ? 16  G  A C4    1 
ATOM   321 P  P     . A  A 1 17 ? 13.115  -9.966  3.929   1.00 60.84  ? 17  A  A P     1 
ATOM   322 O  OP1   . A  A 1 17 ? 14.471  -10.151 4.506   1.00 65.24  ? 17  A  A OP1   1 
ATOM   323 O  OP2   . A  A 1 17 ? 12.993  -9.485  2.521   1.00 55.84  ? 17  A  A OP2   1 
ATOM   324 O  "O5'" . A  A 1 17 ? 12.292  -11.324 4.053   1.00 55.94  ? 17  A  A "O5'" 1 
ATOM   325 C  "C5'" . A  A 1 17 ? 11.641  -11.655 5.268   1.00 50.39  ? 17  A  A "C5'" 1 
ATOM   326 C  "C4'" . A  A 1 17 ? 10.340  -12.373 5.028   1.00 58.63  ? 17  A  A "C4'" 1 
ATOM   327 O  "O4'" . A  A 1 17 ? 9.283   -11.427 4.707   1.00 51.87  ? 17  A  A "O4'" 1 
ATOM   328 C  "C3'" . A  A 1 17 ? 10.312  -13.345 3.865   1.00 56.09  ? 17  A  A "C3'" 1 
ATOM   329 O  "O3'" . A  A 1 17 ? 10.939  -14.571 4.156   1.00 51.91  ? 17  A  A "O3'" 1 
ATOM   330 C  "C2'" . A  A 1 17 ? 8.822   -13.470 3.596   1.00 51.43  ? 17  A  A "C2'" 1 
ATOM   331 O  "O2'" . A  A 1 17 ? 8.215   -14.306 4.568   1.00 51.43  ? 17  A  A "O2'" 1 
ATOM   332 C  "C1'" . A  A 1 17 ? 8.361   -12.032 3.827   1.00 43.90  ? 17  A  A "C1'" 1 
ATOM   333 N  N9    . A  A 1 17 ? 8.382   -11.298 2.563   1.00 46.02  ? 17  A  A N9    1 
ATOM   334 C  C8    . A  A 1 17 ? 9.456   -10.689 1.978   1.00 48.32  ? 17  A  A C8    1 
ATOM   335 N  N7    . A  A 1 17 ? 9.183   -10.131 0.828   1.00 49.03  ? 17  A  A N7    1 
ATOM   336 C  C5    . A  A 1 17 ? 7.836   -10.405 0.648   1.00 51.26  ? 17  A  A C5    1 
ATOM   337 C  C6    . A  A 1 17 ? 6.957   -10.095 -0.387  1.00 43.03  ? 17  A  A C6    1 
ATOM   338 N  N6    . A  A 1 17 ? 7.348   -9.415  -1.452  1.00 46.37  ? 17  A  A N6    1 
ATOM   339 N  N1    . A  A 1 17 ? 5.682   -10.511 -0.287  1.00 47.63  ? 17  A  A N1    1 
ATOM   340 C  C2    . A  A 1 17 ? 5.305   -11.192 0.801   1.00 46.45  ? 17  A  A C2    1 
ATOM   341 N  N3    . A  A 1 17 ? 6.038   -11.552 1.847   1.00 51.15  ? 17  A  A N3    1 
ATOM   342 C  C4    . A  A 1 17 ? 7.319   -11.134 1.703   1.00 56.24  ? 17  A  A C4    1 
ATOM   343 P  P     . A  A 1 18 ? 11.855  -15.266 3.043   1.00 63.33  ? 18  A  A P     1 
ATOM   344 O  OP1   . A  A 1 18 ? 13.220  -14.670 3.109   1.00 69.76  ? 18  A  A OP1   1 
ATOM   345 O  OP2   . A  A 1 18 ? 11.067  -15.228 1.778   1.00 53.50  ? 18  A  A OP2   1 
ATOM   346 O  "O5'" . A  A 1 18 ? 12.092  -16.737 3.611   1.00 60.70  ? 18  A  A "O5'" 1 
ATOM   347 C  "C5'" . A  A 1 18 ? 11.499  -17.889 3.032   1.00 52.21  ? 18  A  A "C5'" 1 
ATOM   348 C  "C4'" . A  A 1 18 ? 10.445  -18.479 3.934   1.00 49.16  ? 18  A  A "C4'" 1 
ATOM   349 O  "O4'" . A  A 1 18 ? 10.872  -18.510 5.310   1.00 45.67  ? 18  A  A "O4'" 1 
ATOM   350 C  "C3'" . A  A 1 18 ? 9.143   -17.720 3.989   1.00 58.31  ? 18  A  A "C3'" 1 
ATOM   351 O  "O3'" . A  A 1 18 ? 8.369   -18.021 2.864   1.00 61.54  ? 18  A  A "O3'" 1 
ATOM   352 C  "C2'" . A  A 1 18 ? 8.511   -18.203 5.293   1.00 52.34  ? 18  A  A "C2'" 1 
ATOM   353 O  "O2'" . A  A 1 18 ? 7.821   -19.428 5.097   1.00 53.18  ? 18  A  A "O2'" 1 
ATOM   354 C  "C1'" . A  A 1 18 ? 9.740   -18.471 6.158   1.00 45.39  ? 18  A  A "C1'" 1 
ATOM   355 N  N9    . A  A 1 18 ? 9.941   -17.455 7.200   1.00 53.79  ? 18  A  A N9    1 
ATOM   356 C  C8    . A  A 1 18 ? 10.251  -16.124 7.057   1.00 55.53  ? 18  A  A C8    1 
ATOM   357 N  N7    . A  A 1 18 ? 10.386  -15.496 8.202   1.00 50.89  ? 18  A  A N7    1 
ATOM   358 C  C5    . A  A 1 18 ? 10.150  -16.472 9.157   1.00 48.17  ? 18  A  A C5    1 
ATOM   359 C  C6    . A  A 1 18 ? 10.143  -16.447 10.562  1.00 50.26  ? 18  A  A C6    1 
ATOM   360 N  N6    . A  A 1 18 ? 10.386  -15.358 11.285  1.00 55.91  ? 18  A  A N6    1 
ATOM   361 N  N1    . A  A 1 18 ? 9.871   -17.597 11.224  1.00 57.05  ? 18  A  A N1    1 
ATOM   362 C  C2    . A  A 1 18 ? 9.635   -18.700 10.499  1.00 58.36  ? 18  A  A C2    1 
ATOM   363 N  N3    . A  A 1 18 ? 9.607   -18.855 9.169   1.00 57.34  ? 18  A  A N3    1 
ATOM   364 C  C4    . A  A 1 18 ? 9.878   -17.688 8.552   1.00 54.16  ? 18  A  A C4    1 
ATOM   365 P  P     . G  A 1 19 ? 7.698   -16.857 2.022   1.00 56.71  ? 19  G  A P     1 
ATOM   366 O  OP1   . G  A 1 19 ? 8.672   -16.374 1.001   1.00 62.68  ? 19  G  A OP1   1 
ATOM   367 O  OP2   . G  A 1 19 ? 7.050   -15.912 2.981   1.00 67.25  ? 19  G  A OP2   1 
ATOM   368 O  "O5'" . G  A 1 19 ? 6.535   -17.639 1.291   1.00 59.36  ? 19  G  A "O5'" 1 
ATOM   369 C  "C5'" . G  A 1 19 ? 5.577   -18.362 2.046   1.00 56.99  ? 19  G  A "C5'" 1 
ATOM   370 C  "C4'" . G  A 1 19 ? 4.230   -18.162 1.432   1.00 61.99  ? 19  G  A "C4'" 1 
ATOM   371 O  "O4'" . G  A 1 19 ? 3.878   -16.756 1.553   1.00 65.63  ? 19  G  A "O4'" 1 
ATOM   372 C  "C3'" . G  A 1 19 ? 4.199   -18.422 -0.064  1.00 66.32  ? 19  G  A "C3'" 1 
ATOM   373 O  "O3'" . G  A 1 19 ? 4.034   -19.788 -0.403  1.00 61.63  ? 19  G  A "O3'" 1 
ATOM   374 C  "C2'" . G  A 1 19 ? 3.071   -17.528 -0.529  1.00 61.47  ? 19  G  A "C2'" 1 
ATOM   375 O  "O2'" . G  A 1 19 ? 1.834   -18.126 -0.179  1.00 69.03  ? 19  G  A "O2'" 1 
ATOM   376 C  "C1'" . G  A 1 19 ? 3.297   -16.302 0.351   1.00 67.86  ? 19  G  A "C1'" 1 
ATOM   377 N  N9    . G  A 1 19 ? 4.239   -15.349 -0.272  1.00 65.36  ? 19  G  A N9    1 
ATOM   378 C  C8    . G  A 1 19 ? 5.452   -14.954 0.236   1.00 67.90  ? 19  G  A C8    1 
ATOM   379 N  N7    . G  A 1 19 ? 6.095   -14.108 -0.523  1.00 64.69  ? 19  G  A N7    1 
ATOM   380 C  C5    . G  A 1 19 ? 5.249   -13.917 -1.599  1.00 61.91  ? 19  G  A C5    1 
ATOM   381 C  C6    . G  A 1 19 ? 5.408   -13.107 -2.748  1.00 61.11  ? 19  G  A C6    1 
ATOM   382 O  O6    . G  A 1 19 ? 6.363   -12.382 -3.034  1.00 59.74  ? 19  G  A O6    1 
ATOM   383 N  N1    . G  A 1 19 ? 4.319   -13.204 -3.605  1.00 61.25  ? 19  G  A N1    1 
ATOM   384 C  C2    . G  A 1 19 ? 3.214   -13.989 -3.375  1.00 67.01  ? 19  G  A C2    1 
ATOM   385 N  N2    . G  A 1 19 ? 2.252   -13.970 -4.299  1.00 72.40  ? 19  G  A N2    1 
ATOM   386 N  N3    . G  A 1 19 ? 3.051   -14.746 -2.309  1.00 76.69  ? 19  G  A N3    1 
ATOM   387 C  C4    . G  A 1 19 ? 4.101   -14.671 -1.462  1.00 69.08  ? 19  G  A C4    1 
ATOM   388 P  P     . U  A 1 20 ? 4.472   -20.293 -1.864  1.00 69.08  ? 20  U  A P     1 
ATOM   389 O  OP1   . U  A 1 20 ? 3.972   -21.684 -2.022  1.00 85.01  ? 20  U  A OP1   1 
ATOM   390 O  OP2   . U  A 1 20 ? 5.914   -19.963 -2.097  1.00 53.29  ? 20  U  A OP2   1 
ATOM   391 O  "O5'" . U  A 1 20 ? 3.671   -19.334 -2.850  1.00 69.31  ? 20  U  A "O5'" 1 
ATOM   392 C  "C5'" . U  A 1 20 ? 2.340   -19.592 -3.273  1.00 73.97  ? 20  U  A "C5'" 1 
ATOM   393 C  "C4'" . U  A 1 20 ? 2.163   -19.061 -4.669  1.00 79.14  ? 20  U  A "C4'" 1 
ATOM   394 O  "O4'" . U  A 1 20 ? 2.293   -17.608 -4.650  1.00 89.64  ? 20  U  A "O4'" 1 
ATOM   395 C  "C3'" . U  A 1 20 ? 3.244   -19.514 -5.636  1.00 83.16  ? 20  U  A "C3'" 1 
ATOM   396 O  "O3'" . U  A 1 20 ? 3.001   -20.798 -6.180  1.00 91.15  ? 20  U  A "O3'" 1 
ATOM   397 C  "C2'" . U  A 1 20 ? 3.283   -18.388 -6.659  1.00 80.50  ? 20  U  A "C2'" 1 
ATOM   398 O  "O2'" . U  A 1 20 ? 2.202   -18.503 -7.570  1.00 89.37  ? 20  U  A "O2'" 1 
ATOM   399 C  "C1'" . U  A 1 20 ? 3.046   -17.170 -5.764  1.00 81.05  ? 20  U  A "C1'" 1 
ATOM   400 N  N1    . U  A 1 20 ? 4.326   -16.609 -5.273  1.00 71.42  ? 20  U  A N1    1 
ATOM   401 C  C2    . U  A 1 20 ? 5.064   -15.803 -6.117  1.00 75.03  ? 20  U  A C2    1 
ATOM   402 O  O2    . U  A 1 20 ? 4.706   -15.510 -7.251  1.00 76.86  ? 20  U  A O2    1 
ATOM   403 N  N3    . U  A 1 20 ? 6.241   -15.348 -5.574  1.00 61.50  ? 20  U  A N3    1 
ATOM   404 C  C4    . U  A 1 20 ? 6.742   -15.604 -4.314  1.00 65.88  ? 20  U  A C4    1 
ATOM   405 O  O4    . U  A 1 20 ? 7.820   -15.119 -3.965  1.00 77.27  ? 20  U  A O4    1 
ATOM   406 C  C5    . U  A 1 20 ? 5.926   -16.449 -3.511  1.00 65.64  ? 20  U  A C5    1 
ATOM   407 C  C6    . U  A 1 20 ? 4.780   -16.899 -4.012  1.00 65.16  ? 20  U  A C6    1 
ATOM   408 P  P     . C  A 1 21 ? 4.216   -21.691 -6.736  1.00 100.08 ? 21  C  A P     1 
ATOM   409 O  OP1   . C  A 1 21 ? 3.609   -23.004 -7.071  1.00 95.83  ? 21  C  A OP1   1 
ATOM   410 O  OP2   . C  A 1 21 ? 5.343   -21.647 -5.757  1.00 91.37  ? 21  C  A OP2   1 
ATOM   411 O  "O5'" . C  A 1 21 ? 4.666   -20.937 -8.083  1.00 98.84  ? 21  C  A "O5'" 1 
ATOM   412 C  "C5'" . C  A 1 21 ? 3.778   -20.807 -9.194  1.00 89.17  ? 21  C  A "C5'" 1 
ATOM   413 C  "C4'" . C  A 1 21 ? 4.317   -19.902 -10.284 1.00 87.14  ? 21  C  A "C4'" 1 
ATOM   414 O  "O4'" . C  A 1 21 ? 4.428   -18.537 -9.799  1.00 92.88  ? 21  C  A "O4'" 1 
ATOM   415 C  "C3'" . C  A 1 21 ? 5.709   -20.223 -10.811 1.00 90.01  ? 21  C  A "C3'" 1 
ATOM   416 O  "O3'" . C  A 1 21 ? 5.713   -21.268 -11.763 1.00 94.75  ? 21  C  A "O3'" 1 
ATOM   417 C  "C2'" . C  A 1 21 ? 6.165   -18.889 -11.381 1.00 88.00  ? 21  C  A "C2'" 1 
ATOM   418 O  "O2'" . C  A 1 21 ? 5.576   -18.659 -12.653 1.00 90.23  ? 21  C  A "O2'" 1 
ATOM   419 C  "C1'" . C  A 1 21 ? 5.560   -17.911 -10.372 1.00 91.14  ? 21  C  A "C1'" 1 
ATOM   420 N  N1    . C  A 1 21 ? 6.524   -17.589 -9.291  1.00 86.31  ? 21  C  A N1    1 
ATOM   421 C  C2    . C  A 1 21 ? 7.515   -16.628 -9.534  1.00 82.59  ? 21  C  A C2    1 
ATOM   422 O  O2    . C  A 1 21 ? 7.570   -16.042 -10.631 1.00 88.62  ? 21  C  A O2    1 
ATOM   423 N  N3    . C  A 1 21 ? 8.408   -16.345 -8.561  1.00 72.93  ? 21  C  A N3    1 
ATOM   424 C  C4    . C  A 1 21 ? 8.346   -16.975 -7.390  1.00 75.09  ? 21  C  A C4    1 
ATOM   425 N  N4    . C  A 1 21 ? 9.256   -16.650 -6.475  1.00 76.07  ? 21  C  A N4    1 
ATOM   426 C  C5    . C  A 1 21 ? 7.359   -17.962 -7.109  1.00 80.79  ? 21  C  A C5    1 
ATOM   427 C  C6    . C  A 1 21 ? 6.480   -18.234 -8.081  1.00 84.32  ? 21  C  A C6    1 
ATOM   428 P  P     . G  A 1 22 ? 6.875   -22.375 -11.735 1.00 98.96  ? 22  G  A P     1 
ATOM   429 O  OP1   . G  A 1 22 ? 6.522   -23.375 -12.778 1.00 105.36 ? 22  G  A OP1   1 
ATOM   430 O  OP2   . G  A 1 22 ? 7.085   -22.823 -10.335 1.00 92.52  ? 22  G  A OP2   1 
ATOM   431 O  "O5'" . G  A 1 22 ? 8.176   -21.581 -12.208 1.00 93.96  ? 22  G  A "O5'" 1 
ATOM   432 C  "C5'" . G  A 1 22 ? 8.503   -21.512 -13.586 1.00 92.59  ? 22  G  A "C5'" 1 
ATOM   433 C  "C4'" . G  A 1 22 ? 9.259   -20.255 -13.937 1.00 94.34  ? 22  G  A "C4'" 1 
ATOM   434 O  "O4'" . G  A 1 22 ? 8.918   -19.179 -13.018 1.00 85.39  ? 22  G  A "O4'" 1 
ATOM   435 C  "C3'" . G  A 1 22 ? 10.778  -20.330 -13.858 1.00 100.69 ? 22  G  A "C3'" 1 
ATOM   436 O  "O3'" . G  A 1 22 ? 11.381  -21.009 -14.956 1.00 108.85 ? 22  G  A "O3'" 1 
ATOM   437 C  "C2'" . G  A 1 22 ? 11.159  -18.858 -13.756 1.00 98.69  ? 22  G  A "C2'" 1 
ATOM   438 O  "O2'" . G  A 1 22 ? 11.060  -18.217 -15.020 1.00 99.96  ? 22  G  A "O2'" 1 
ATOM   439 C  "C1'" . G  A 1 22 ? 10.039  -18.327 -12.855 1.00 94.65  ? 22  G  A "C1'" 1 
ATOM   440 N  N9    . G  A 1 22 ? 10.453  -18.307 -11.431 1.00 97.65  ? 22  G  A N9    1 
ATOM   441 C  C8    . G  A 1 22 ? 9.948   -19.037 -10.371 1.00 88.03  ? 22  G  A C8    1 
ATOM   442 N  N7    . G  A 1 22 ? 10.557  -18.779 -9.240  1.00 78.51  ? 22  G  A N7    1 
ATOM   443 C  C5    . G  A 1 22 ? 11.519  -17.823 -9.569  1.00 79.52  ? 22  G  A C5    1 
ATOM   444 C  C6    . G  A 1 22 ? 12.483  -17.150 -8.768  1.00 79.97  ? 22  G  A C6    1 
ATOM   445 O  O6    . G  A 1 22 ? 12.694  -17.259 -7.553  1.00 80.61  ? 22  G  A O6    1 
ATOM   446 N  N1    . G  A 1 22 ? 13.265  -16.269 -9.514  1.00 82.12  ? 22  G  A N1    1 
ATOM   447 C  C2    . G  A 1 22 ? 13.146  -16.042 -10.861 1.00 84.37  ? 22  G  A C2    1 
ATOM   448 N  N2    . G  A 1 22 ? 13.996  -15.146 -11.391 1.00 80.75  ? 22  G  A N2    1 
ATOM   449 N  N3    . G  A 1 22 ? 12.248  -16.653 -11.615 1.00 89.32  ? 22  G  A N3    1 
ATOM   450 C  C4    . G  A 1 22 ? 11.476  -17.528 -10.916 1.00 89.40  ? 22  G  A C4    1 
ATOM   451 P  P     . C  A 1 23 ? 12.588  -22.064 -14.731 1.00 111.11 ? 23  C  A P     1 
ATOM   452 O  OP1   . C  A 1 23 ? 12.804  -22.771 -16.021 1.00 104.02 ? 23  C  A OP1   1 
ATOM   453 O  OP2   . C  A 1 23 ? 12.351  -22.862 -13.496 1.00 100.04 ? 23  C  A OP2   1 
ATOM   454 O  "O5'" . C  A 1 23 ? 13.874  -21.155 -14.478 1.00 109.51 ? 23  C  A "O5'" 1 
ATOM   455 C  "C5'" . C  A 1 23 ? 14.298  -20.185 -15.428 1.00 105.35 ? 23  C  A "C5'" 1 
ATOM   456 C  "C4'" . C  A 1 23 ? 15.315  -19.242 -14.830 1.00 106.35 ? 23  C  A "C4'" 1 
ATOM   457 O  "O4'" . C  A 1 23 ? 14.695  -18.485 -13.754 1.00 110.23 ? 23  C  A "O4'" 1 
ATOM   458 C  "C3'" . C  A 1 23 ? 16.524  -19.904 -14.181 1.00 104.30 ? 23  C  A "C3'" 1 
ATOM   459 O  "O3'" . C  A 1 23 ? 17.549  -20.219 -15.112 1.00 104.86 ? 23  C  A "O3'" 1 
ATOM   460 C  "C2'" . C  A 1 23 ? 16.950  -18.889 -13.125 1.00 102.95 ? 23  C  A "C2'" 1 
ATOM   461 O  "O2'" . C  A 1 23 ? 17.723  -17.846 -13.706 1.00 105.23 ? 23  C  A "O2'" 1 
ATOM   462 C  "C1'" . C  A 1 23 ? 15.606  -18.310 -12.689 1.00 99.89  ? 23  C  A "C1'" 1 
ATOM   463 N  N1    . C  A 1 23 ? 15.046  -18.963 -11.477 1.00 95.22  ? 23  C  A N1    1 
ATOM   464 C  C2    . C  A 1 23 ? 15.552  -18.672 -10.198 1.00 87.58  ? 23  C  A C2    1 
ATOM   465 O  O2    . C  A 1 23 ? 16.504  -17.878 -10.074 1.00 85.55  ? 23  C  A O2    1 
ATOM   466 N  N3    . C  A 1 23 ? 14.987  -19.278 -9.121  1.00 79.33  ? 23  C  A N3    1 
ATOM   467 C  C4    . C  A 1 23 ? 13.959  -20.126 -9.277  1.00 84.63  ? 23  C  A C4    1 
ATOM   468 N  N4    . C  A 1 23 ? 13.419  -20.700 -8.196  1.00 82.77  ? 23  C  A N4    1 
ATOM   469 C  C5    . C  A 1 23 ? 13.422  -20.429 -10.558 1.00 89.26  ? 23  C  A C5    1 
ATOM   470 C  C6    . C  A 1 23 ? 13.988  -19.826 -11.608 1.00 92.70  ? 23  C  A C6    1 
HETATM 471 AG AG    . AG B 2 .  ? 3.890   -10.504 -1.465  1.00 69.88  ? 101 AG A AG    1 
HETATM 472 AG AG    . AG C 2 .  ? -13.272 11.852  6.715   1.00 104.90 ? 102 AG A AG    1 
HETATM 473 CA CA    . CA D 3 .  ? 10.297  -15.469 -0.425  1.00 75.74  ? 103 CA A CA    1 
# 
loop_
_pdbx_poly_seq_scheme.asym_id 
_pdbx_poly_seq_scheme.entity_id 
_pdbx_poly_seq_scheme.seq_id 
_pdbx_poly_seq_scheme.mon_id 
_pdbx_poly_seq_scheme.ndb_seq_num 
_pdbx_poly_seq_scheme.pdb_seq_num 
_pdbx_poly_seq_scheme.auth_seq_num 
_pdbx_poly_seq_scheme.pdb_mon_id 
_pdbx_poly_seq_scheme.auth_mon_id 
_pdbx_poly_seq_scheme.pdb_strand_id 
_pdbx_poly_seq_scheme.pdb_ins_code 
_pdbx_poly_seq_scheme.hetero 
A 1 1  U 1  1  ?  ? ? A . n 
A 1 2  U 2  2  2  U U A . n 
A 1 3  G 3  3  3  G G A . n 
A 1 4  C 4  4  4  C C A . n 
A 1 5  G 5  5  5  G G A . n 
A 1 6  U 6  6  6  U U A . n 
A 1 7  C 7  7  7  C C A . n 
A 1 8  G 8  8  8  G G A . n 
A 1 9  C 9  9  9  C C A . n 
A 1 10 G 10 10 10 G G A . n 
A 1 11 U 11 11 11 U U A . n 
A 1 12 C 12 12 12 C C A . n 
A 1 13 G 13 13 13 G G A . n 
A 1 14 A 14 14 14 A A A . n 
A 1 15 C 15 15 15 C C A . n 
A 1 16 G 16 16 16 G G A . n 
A 1 17 A 17 17 17 A A A . n 
A 1 18 A 18 18 18 A A A . n 
A 1 19 G 19 19 19 G G A . n 
A 1 20 U 20 20 20 U U A . n 
A 1 21 C 21 21 21 C C A . n 
A 1 22 G 22 22 22 G G A . n 
A 1 23 C 23 23 23 C C A . n 
# 
loop_
_pdbx_nonpoly_scheme.asym_id 
_pdbx_nonpoly_scheme.entity_id 
_pdbx_nonpoly_scheme.mon_id 
_pdbx_nonpoly_scheme.ndb_seq_num 
_pdbx_nonpoly_scheme.pdb_seq_num 
_pdbx_nonpoly_scheme.auth_seq_num 
_pdbx_nonpoly_scheme.pdb_mon_id 
_pdbx_nonpoly_scheme.auth_mon_id 
_pdbx_nonpoly_scheme.pdb_strand_id 
_pdbx_nonpoly_scheme.pdb_ins_code 
B 2 AG 1 101 1 AG AG A . 
C 2 AG 1 102 2 AG AG A . 
D 3 CA 1 103 1 CA CA A . 
# 
_pdbx_struct_assembly.id                   1 
_pdbx_struct_assembly.details              author_defined_assembly 
_pdbx_struct_assembly.method_details       ? 
_pdbx_struct_assembly.oligomeric_details   dimeric 
_pdbx_struct_assembly.oligomeric_count     2 
# 
loop_
_pdbx_struct_assembly_gen.assembly_id 
_pdbx_struct_assembly_gen.oper_expression 
_pdbx_struct_assembly_gen.asym_id_list 
1 1 A,B,C,D 
1 2 A,B,C,D 
# 
loop_
_pdbx_struct_oper_list.id 
_pdbx_struct_oper_list.type 
_pdbx_struct_oper_list.name 
_pdbx_struct_oper_list.symmetry_operation 
_pdbx_struct_oper_list.matrix[1][1] 
_pdbx_struct_oper_list.matrix[1][2] 
_pdbx_struct_oper_list.matrix[1][3] 
_pdbx_struct_oper_list.vector[1] 
_pdbx_struct_oper_list.matrix[2][1] 
_pdbx_struct_oper_list.matrix[2][2] 
_pdbx_struct_oper_list.matrix[2][3] 
_pdbx_struct_oper_list.vector[2] 
_pdbx_struct_oper_list.matrix[3][1] 
_pdbx_struct_oper_list.matrix[3][2] 
_pdbx_struct_oper_list.matrix[3][3] 
_pdbx_struct_oper_list.vector[3] 
1 'identity operation'         1_555 x,y,z     1.0000000000 0.0000000000 0.0000000000 0.0000000000  0.0000000000 1.0000000000  0.0000000000 0.0000000000 0.0000000000 0.0000000000 1.0000000000  0.0000000000  
2 'crystal symmetry operation' 2_955 -x+4,y,-z 0.2068929095 0.9783394790 0.0068693414 -1.5366209390 0.9783394790 -0.2069320081 0.0055684708 1.8962616300 0.0068693414 0.0055684708 -0.9999609014 -0.0947251513 
# 
loop_
_pdbx_struct_conn_angle.id 
_pdbx_struct_conn_angle.ptnr1_label_atom_id 
_pdbx_struct_conn_angle.ptnr1_label_alt_id 
_pdbx_struct_conn_angle.ptnr1_label_asym_id 
_pdbx_struct_conn_angle.ptnr1_label_comp_id 
_pdbx_struct_conn_angle.ptnr1_label_seq_id 
_pdbx_struct_conn_angle.ptnr1_auth_atom_id 
_pdbx_struct_conn_angle.ptnr1_auth_asym_id 
_pdbx_struct_conn_angle.ptnr1_auth_comp_id 
_pdbx_struct_conn_angle.ptnr1_auth_seq_id 
_pdbx_struct_conn_angle.ptnr1_PDB_ins_code 
_pdbx_struct_conn_angle.ptnr1_symmetry 
_pdbx_struct_conn_angle.ptnr2_label_atom_id 
_pdbx_struct_conn_angle.ptnr2_label_alt_id 
_pdbx_struct_conn_angle.ptnr2_label_asym_id 
_pdbx_struct_conn_angle.ptnr2_label_comp_id 
_pdbx_struct_conn_angle.ptnr2_label_seq_id 
_pdbx_struct_conn_angle.ptnr2_auth_atom_id 
_pdbx_struct_conn_angle.ptnr2_auth_asym_id 
_pdbx_struct_conn_angle.ptnr2_auth_comp_id 
_pdbx_struct_conn_angle.ptnr2_auth_seq_id 
_pdbx_struct_conn_angle.ptnr2_PDB_ins_code 
_pdbx_struct_conn_angle.ptnr2_symmetry 
_pdbx_struct_conn_angle.ptnr3_label_atom_id 
_pdbx_struct_conn_angle.ptnr3_label_alt_id 
_pdbx_struct_conn_angle.ptnr3_label_asym_id 
_pdbx_struct_conn_angle.ptnr3_label_comp_id 
_pdbx_struct_conn_angle.ptnr3_label_seq_id 
_pdbx_struct_conn_angle.ptnr3_auth_atom_id 
_pdbx_struct_conn_angle.ptnr3_auth_asym_id 
_pdbx_struct_conn_angle.ptnr3_auth_comp_id 
_pdbx_struct_conn_angle.ptnr3_auth_seq_id 
_pdbx_struct_conn_angle.ptnr3_PDB_ins_code 
_pdbx_struct_conn_angle.ptnr3_symmetry 
_pdbx_struct_conn_angle.value 
_pdbx_struct_conn_angle.value_esd 
1 N3  ? A U 6  ? A U 6  ? 1_555 AG ? C AG . ? A AG 102 ? 1_555 N3  ? A U 20 ? A U 20 ? 1_555 87.2 ? 
2 N7  ? A G 8  ? A G 8  ? 1_555 AG ? B AG . ? A AG 101 ? 2_955 N1  ? A A 17 ? A A 17 ? 1_555 67.3 ? 
3 OP2 ? A A 18 ? A A 18 ? 1_555 CA ? D CA . ? A CA 103 ? 1_555 OP1 ? A G 19 ? A G 19 ? 1_555 72.3 ? 
# 
loop_
_pdbx_audit_revision_history.ordinal 
_pdbx_audit_revision_history.data_content_type 
_pdbx_audit_revision_history.major_revision 
_pdbx_audit_revision_history.minor_revision 
_pdbx_audit_revision_history.revision_date 
1 'Structure model' 1 0 2022-03-16 
2 'Structure model' 1 1 2023-11-29 
# 
_pdbx_audit_revision_details.ordinal             1 
_pdbx_audit_revision_details.revision_ordinal    1 
_pdbx_audit_revision_details.data_content_type   'Structure model' 
_pdbx_audit_revision_details.provider            repository 
_pdbx_audit_revision_details.type                'Initial release' 
_pdbx_audit_revision_details.description         ? 
_pdbx_audit_revision_details.details             ? 
# 
loop_
_pdbx_audit_revision_group.ordinal 
_pdbx_audit_revision_group.revision_ordinal 
_pdbx_audit_revision_group.data_content_type 
_pdbx_audit_revision_group.group 
1 2 'Structure model' 'Data collection'        
2 2 'Structure model' 'Refinement description' 
# 
loop_
_pdbx_audit_revision_category.ordinal 
_pdbx_audit_revision_category.revision_ordinal 
_pdbx_audit_revision_category.data_content_type 
_pdbx_audit_revision_category.category 
1 2 'Structure model' chem_comp_atom                
2 2 'Structure model' chem_comp_bond                
3 2 'Structure model' pdbx_initial_refinement_model 
# 
loop_
_software.citation_id 
_software.classification 
_software.compiler_name 
_software.compiler_version 
_software.contact_author 
_software.contact_author_email 
_software.date 
_software.description 
_software.dependencies 
_software.hardware 
_software.language 
_software.location 
_software.mods 
_software.name 
_software.os 
_software.os_version 
_software.type 
_software.version 
_software.pdbx_ordinal 
? 'data scaling'   ? ? ? ? ? ? ? ? ? ? ? XSCALE ? ? ? .      1 
? refinement       ? ? ? ? ? ? ? ? ? ? ? PHENIX ? ? ? 1.17.1 2 
? 'data reduction' ? ? ? ? ? ? ? ? ? ? ? XDS    ? ? ? .      3 
? phasing          ? ? ? ? ? ? ? ? ? ? ? PHASER ? ? ? .      4 
# 
_pdbx_entry_details.entry_id                 7EDN 
_pdbx_entry_details.has_ligand_of_interest   Y 
_pdbx_entry_details.compound_details         ? 
_pdbx_entry_details.source_details           ? 
_pdbx_entry_details.nonpolymer_details       ? 
_pdbx_entry_details.sequence_details         ? 
# 
_pdbx_unobs_or_zero_occ_residues.id               1 
_pdbx_unobs_or_zero_occ_residues.PDB_model_num    1 
_pdbx_unobs_or_zero_occ_residues.polymer_flag     Y 
_pdbx_unobs_or_zero_occ_residues.occupancy_flag   1 
_pdbx_unobs_or_zero_occ_residues.auth_asym_id     A 
_pdbx_unobs_or_zero_occ_residues.auth_comp_id     U 
_pdbx_unobs_or_zero_occ_residues.auth_seq_id      1 
_pdbx_unobs_or_zero_occ_residues.PDB_ins_code     ? 
_pdbx_unobs_or_zero_occ_residues.label_asym_id    A 
_pdbx_unobs_or_zero_occ_residues.label_comp_id    U 
_pdbx_unobs_or_zero_occ_residues.label_seq_id     1 
# 
loop_
_chem_comp_atom.comp_id 
_chem_comp_atom.atom_id 
_chem_comp_atom.type_symbol 
_chem_comp_atom.pdbx_aromatic_flag 
_chem_comp_atom.pdbx_stereo_config 
_chem_comp_atom.pdbx_ordinal 
A  OP3    O  N N 1   
A  P      P  N N 2   
A  OP1    O  N N 3   
A  OP2    O  N N 4   
A  "O5'"  O  N N 5   
A  "C5'"  C  N N 6   
A  "C4'"  C  N R 7   
A  "O4'"  O  N N 8   
A  "C3'"  C  N S 9   
A  "O3'"  O  N N 10  
A  "C2'"  C  N R 11  
A  "O2'"  O  N N 12  
A  "C1'"  C  N R 13  
A  N9     N  Y N 14  
A  C8     C  Y N 15  
A  N7     N  Y N 16  
A  C5     C  Y N 17  
A  C6     C  Y N 18  
A  N6     N  N N 19  
A  N1     N  Y N 20  
A  C2     C  Y N 21  
A  N3     N  Y N 22  
A  C4     C  Y N 23  
A  HOP3   H  N N 24  
A  HOP2   H  N N 25  
A  "H5'"  H  N N 26  
A  "H5''" H  N N 27  
A  "H4'"  H  N N 28  
A  "H3'"  H  N N 29  
A  "HO3'" H  N N 30  
A  "H2'"  H  N N 31  
A  "HO2'" H  N N 32  
A  "H1'"  H  N N 33  
A  H8     H  N N 34  
A  H61    H  N N 35  
A  H62    H  N N 36  
A  H2     H  N N 37  
AG AG     AG N N 38  
C  OP3    O  N N 39  
C  P      P  N N 40  
C  OP1    O  N N 41  
C  OP2    O  N N 42  
C  "O5'"  O  N N 43  
C  "C5'"  C  N N 44  
C  "C4'"  C  N R 45  
C  "O4'"  O  N N 46  
C  "C3'"  C  N S 47  
C  "O3'"  O  N N 48  
C  "C2'"  C  N R 49  
C  "O2'"  O  N N 50  
C  "C1'"  C  N R 51  
C  N1     N  N N 52  
C  C2     C  N N 53  
C  O2     O  N N 54  
C  N3     N  N N 55  
C  C4     C  N N 56  
C  N4     N  N N 57  
C  C5     C  N N 58  
C  C6     C  N N 59  
C  HOP3   H  N N 60  
C  HOP2   H  N N 61  
C  "H5'"  H  N N 62  
C  "H5''" H  N N 63  
C  "H4'"  H  N N 64  
C  "H3'"  H  N N 65  
C  "HO3'" H  N N 66  
C  "H2'"  H  N N 67  
C  "HO2'" H  N N 68  
C  "H1'"  H  N N 69  
C  H41    H  N N 70  
C  H42    H  N N 71  
C  H5     H  N N 72  
C  H6     H  N N 73  
CA CA     CA N N 74  
G  OP3    O  N N 75  
G  P      P  N N 76  
G  OP1    O  N N 77  
G  OP2    O  N N 78  
G  "O5'"  O  N N 79  
G  "C5'"  C  N N 80  
G  "C4'"  C  N R 81  
G  "O4'"  O  N N 82  
G  "C3'"  C  N S 83  
G  "O3'"  O  N N 84  
G  "C2'"  C  N R 85  
G  "O2'"  O  N N 86  
G  "C1'"  C  N R 87  
G  N9     N  Y N 88  
G  C8     C  Y N 89  
G  N7     N  Y N 90  
G  C5     C  Y N 91  
G  C6     C  N N 92  
G  O6     O  N N 93  
G  N1     N  N N 94  
G  C2     C  N N 95  
G  N2     N  N N 96  
G  N3     N  N N 97  
G  C4     C  Y N 98  
G  HOP3   H  N N 99  
G  HOP2   H  N N 100 
G  "H5'"  H  N N 101 
G  "H5''" H  N N 102 
G  "H4'"  H  N N 103 
G  "H3'"  H  N N 104 
G  "HO3'" H  N N 105 
G  "H2'"  H  N N 106 
G  "HO2'" H  N N 107 
G  "H1'"  H  N N 108 
G  H8     H  N N 109 
G  H1     H  N N 110 
G  H21    H  N N 111 
G  H22    H  N N 112 
U  OP3    O  N N 113 
U  P      P  N N 114 
U  OP1    O  N N 115 
U  OP2    O  N N 116 
U  "O5'"  O  N N 117 
U  "C5'"  C  N N 118 
U  "C4'"  C  N R 119 
U  "O4'"  O  N N 120 
U  "C3'"  C  N S 121 
U  "O3'"  O  N N 122 
U  "C2'"  C  N R 123 
U  "O2'"  O  N N 124 
U  "C1'"  C  N R 125 
U  N1     N  N N 126 
U  C2     C  N N 127 
U  O2     O  N N 128 
U  N3     N  N N 129 
U  C4     C  N N 130 
U  O4     O  N N 131 
U  C5     C  N N 132 
U  C6     C  N N 133 
U  HOP3   H  N N 134 
U  HOP2   H  N N 135 
U  "H5'"  H  N N 136 
U  "H5''" H  N N 137 
U  "H4'"  H  N N 138 
U  "H3'"  H  N N 139 
U  "HO3'" H  N N 140 
U  "H2'"  H  N N 141 
U  "HO2'" H  N N 142 
U  "H1'"  H  N N 143 
U  H3     H  N N 144 
U  H5     H  N N 145 
U  H6     H  N N 146 
# 
loop_
_chem_comp_bond.comp_id 
_chem_comp_bond.atom_id_1 
_chem_comp_bond.atom_id_2 
_chem_comp_bond.value_order 
_chem_comp_bond.pdbx_aromatic_flag 
_chem_comp_bond.pdbx_stereo_config 
_chem_comp_bond.pdbx_ordinal 
A OP3   P      sing N N 1   
A OP3   HOP3   sing N N 2   
A P     OP1    doub N N 3   
A P     OP2    sing N N 4   
A P     "O5'"  sing N N 5   
A OP2   HOP2   sing N N 6   
A "O5'" "C5'"  sing N N 7   
A "C5'" "C4'"  sing N N 8   
A "C5'" "H5'"  sing N N 9   
A "C5'" "H5''" sing N N 10  
A "C4'" "O4'"  sing N N 11  
A "C4'" "C3'"  sing N N 12  
A "C4'" "H4'"  sing N N 13  
A "O4'" "C1'"  sing N N 14  
A "C3'" "O3'"  sing N N 15  
A "C3'" "C2'"  sing N N 16  
A "C3'" "H3'"  sing N N 17  
A "O3'" "HO3'" sing N N 18  
A "C2'" "O2'"  sing N N 19  
A "C2'" "C1'"  sing N N 20  
A "C2'" "H2'"  sing N N 21  
A "O2'" "HO2'" sing N N 22  
A "C1'" N9     sing N N 23  
A "C1'" "H1'"  sing N N 24  
A N9    C8     sing Y N 25  
A N9    C4     sing Y N 26  
A C8    N7     doub Y N 27  
A C8    H8     sing N N 28  
A N7    C5     sing Y N 29  
A C5    C6     sing Y N 30  
A C5    C4     doub Y N 31  
A C6    N6     sing N N 32  
A C6    N1     doub Y N 33  
A N6    H61    sing N N 34  
A N6    H62    sing N N 35  
A N1    C2     sing Y N 36  
A C2    N3     doub Y N 37  
A C2    H2     sing N N 38  
A N3    C4     sing Y N 39  
C OP3   P      sing N N 40  
C OP3   HOP3   sing N N 41  
C P     OP1    doub N N 42  
C P     OP2    sing N N 43  
C P     "O5'"  sing N N 44  
C OP2   HOP2   sing N N 45  
C "O5'" "C5'"  sing N N 46  
C "C5'" "C4'"  sing N N 47  
C "C5'" "H5'"  sing N N 48  
C "C5'" "H5''" sing N N 49  
C "C4'" "O4'"  sing N N 50  
C "C4'" "C3'"  sing N N 51  
C "C4'" "H4'"  sing N N 52  
C "O4'" "C1'"  sing N N 53  
C "C3'" "O3'"  sing N N 54  
C "C3'" "C2'"  sing N N 55  
C "C3'" "H3'"  sing N N 56  
C "O3'" "HO3'" sing N N 57  
C "C2'" "O2'"  sing N N 58  
C "C2'" "C1'"  sing N N 59  
C "C2'" "H2'"  sing N N 60  
C "O2'" "HO2'" sing N N 61  
C "C1'" N1     sing N N 62  
C "C1'" "H1'"  sing N N 63  
C N1    C2     sing N N 64  
C N1    C6     sing N N 65  
C C2    O2     doub N N 66  
C C2    N3     sing N N 67  
C N3    C4     doub N N 68  
C C4    N4     sing N N 69  
C C4    C5     sing N N 70  
C N4    H41    sing N N 71  
C N4    H42    sing N N 72  
C C5    C6     doub N N 73  
C C5    H5     sing N N 74  
C C6    H6     sing N N 75  
G OP3   P      sing N N 76  
G OP3   HOP3   sing N N 77  
G P     OP1    doub N N 78  
G P     OP2    sing N N 79  
G P     "O5'"  sing N N 80  
G OP2   HOP2   sing N N 81  
G "O5'" "C5'"  sing N N 82  
G "C5'" "C4'"  sing N N 83  
G "C5'" "H5'"  sing N N 84  
G "C5'" "H5''" sing N N 85  
G "C4'" "O4'"  sing N N 86  
G "C4'" "C3'"  sing N N 87  
G "C4'" "H4'"  sing N N 88  
G "O4'" "C1'"  sing N N 89  
G "C3'" "O3'"  sing N N 90  
G "C3'" "C2'"  sing N N 91  
G "C3'" "H3'"  sing N N 92  
G "O3'" "HO3'" sing N N 93  
G "C2'" "O2'"  sing N N 94  
G "C2'" "C1'"  sing N N 95  
G "C2'" "H2'"  sing N N 96  
G "O2'" "HO2'" sing N N 97  
G "C1'" N9     sing N N 98  
G "C1'" "H1'"  sing N N 99  
G N9    C8     sing Y N 100 
G N9    C4     sing Y N 101 
G C8    N7     doub Y N 102 
G C8    H8     sing N N 103 
G N7    C5     sing Y N 104 
G C5    C6     sing N N 105 
G C5    C4     doub Y N 106 
G C6    O6     doub N N 107 
G C6    N1     sing N N 108 
G N1    C2     sing N N 109 
G N1    H1     sing N N 110 
G C2    N2     sing N N 111 
G C2    N3     doub N N 112 
G N2    H21    sing N N 113 
G N2    H22    sing N N 114 
G N3    C4     sing N N 115 
U OP3   P      sing N N 116 
U OP3   HOP3   sing N N 117 
U P     OP1    doub N N 118 
U P     OP2    sing N N 119 
U P     "O5'"  sing N N 120 
U OP2   HOP2   sing N N 121 
U "O5'" "C5'"  sing N N 122 
U "C5'" "C4'"  sing N N 123 
U "C5'" "H5'"  sing N N 124 
U "C5'" "H5''" sing N N 125 
U "C4'" "O4'"  sing N N 126 
U "C4'" "C3'"  sing N N 127 
U "C4'" "H4'"  sing N N 128 
U "O4'" "C1'"  sing N N 129 
U "C3'" "O3'"  sing N N 130 
U "C3'" "C2'"  sing N N 131 
U "C3'" "H3'"  sing N N 132 
U "O3'" "HO3'" sing N N 133 
U "C2'" "O2'"  sing N N 134 
U "C2'" "C1'"  sing N N 135 
U "C2'" "H2'"  sing N N 136 
U "O2'" "HO2'" sing N N 137 
U "C1'" N1     sing N N 138 
U "C1'" "H1'"  sing N N 139 
U N1    C2     sing N N 140 
U N1    C6     sing N N 141 
U C2    O2     doub N N 142 
U C2    N3     sing N N 143 
U N3    C4     sing N N 144 
U N3    H3     sing N N 145 
U C4    O4     doub N N 146 
U C4    C5     sing N N 147 
U C5    C6     doub N N 148 
U C5    H5     sing N N 149 
U C6    H6     sing N N 150 
# 
loop_
_ndb_struct_conf_na.entry_id 
_ndb_struct_conf_na.feature 
7EDN 'double helix'         
7EDN 'a-form double helix'  
7EDN 'mismatched base pair' 
7EDN 'internal loop'        
# 
loop_
_ndb_struct_na_base_pair.model_number 
_ndb_struct_na_base_pair.i_label_asym_id 
_ndb_struct_na_base_pair.i_label_comp_id 
_ndb_struct_na_base_pair.i_label_seq_id 
_ndb_struct_na_base_pair.i_symmetry 
_ndb_struct_na_base_pair.j_label_asym_id 
_ndb_struct_na_base_pair.j_label_comp_id 
_ndb_struct_na_base_pair.j_label_seq_id 
_ndb_struct_na_base_pair.j_symmetry 
_ndb_struct_na_base_pair.shear 
_ndb_struct_na_base_pair.stretch 
_ndb_struct_na_base_pair.stagger 
_ndb_struct_na_base_pair.buckle 
_ndb_struct_na_base_pair.propeller 
_ndb_struct_na_base_pair.opening 
_ndb_struct_na_base_pair.pair_number 
_ndb_struct_na_base_pair.pair_name 
_ndb_struct_na_base_pair.i_auth_asym_id 
_ndb_struct_na_base_pair.i_auth_seq_id 
_ndb_struct_na_base_pair.i_PDB_ins_code 
_ndb_struct_na_base_pair.j_auth_asym_id 
_ndb_struct_na_base_pair.j_auth_seq_id 
_ndb_struct_na_base_pair.j_PDB_ins_code 
_ndb_struct_na_base_pair.hbond_type_28 
_ndb_struct_na_base_pair.hbond_type_12 
1 A G 3  1_555 A C 23 2_955 -2.349 -0.210 0.385  5.342  -4.453  10.938   1  A_G3:C23_A  A 3  ? A 23 ? ?  1 
1 A C 4  1_555 A G 22 2_955 0.045  -0.167 0.182  2.378  -11.462 -7.611   2  A_C4:G22_A  A 4  ? A 22 ? 19 1 
1 A G 5  1_555 A C 21 2_955 0.583  -0.398 0.031  3.455  -15.739 3.199    3  A_G5:C21_A  A 5  ? A 21 ? 19 1 
1 A C 7  1_555 A G 19 2_955 0.615  0.253  0.444  -8.073 -6.106  -1.434   4  A_C7:G19_A  A 7  ? A 19 ? 19 1 
1 A G 8  1_555 A A 17 2_955 -0.544 -4.814 -0.249 5.356  11.452  107.042  5  A_G8:A17_A  A 8  ? A 17 ? ?  ? 
1 A C 9  1_555 A G 16 2_955 -0.001 -0.107 0.083  7.815  -11.151 2.026    6  A_C9:G16_A  A 9  ? A 16 ? 19 1 
1 A G 10 1_555 A C 15 2_955 -0.337 -0.337 0.142  -0.869 -25.592 -1.636   7  A_G10:C15_A A 10 ? A 15 ? 19 1 
1 A U 11 1_555 A A 14 2_955 0.625  -0.232 0.308  -4.188 -20.645 0.789    8  A_U11:A14_A A 11 ? A 14 ? 20 1 
1 A C 12 1_555 A G 13 2_955 -0.193 -0.512 -0.049 4.699  -22.592 -3.644   9  A_C12:G13_A A 12 ? A 13 ? 19 1 
1 A G 13 1_555 A C 12 2_955 0.193  -0.512 -0.049 -4.699 -22.592 -3.644   10 A_G13:C12_A A 13 ? A 12 ? 19 1 
1 A A 14 1_555 A U 11 2_955 -0.625 -0.232 0.308  4.188  -20.645 0.789    11 A_A14:U11_A A 14 ? A 11 ? 20 1 
1 A C 15 1_555 A G 10 2_955 0.337  -0.337 0.142  0.869  -25.592 -1.636   12 A_C15:G10_A A 15 ? A 10 ? 19 1 
1 A G 16 1_555 A C 9  2_955 0.001  -0.107 0.083  -7.815 -11.151 2.026    13 A_G16:C9_A  A 16 ? A 9  ? 19 1 
1 A A 17 1_555 A G 8  2_955 0.544  4.814  0.249  -5.356 -11.452 -107.042 14 A_A17:G8_A  A 17 ? A 8  ? ?  ? 
1 A G 19 1_555 A C 7  2_955 -0.615 0.253  0.444  8.073  -6.106  -1.434   15 A_G19:C7_A  A 19 ? A 7  ? 19 1 
1 A C 21 1_555 A G 5  2_955 -0.583 -0.398 0.031  -3.455 -15.739 3.199    16 A_C21:G5_A  A 21 ? A 5  ? 19 1 
1 A G 22 1_555 A C 4  2_955 -0.045 -0.167 0.182  -2.378 -11.462 -7.611   17 A_G22:C4_A  A 22 ? A 4  ? 19 1 
1 A C 23 1_555 A G 3  2_955 2.349  -0.210 0.385  -5.342 -4.453  10.938   18 A_C23:G3_A  A 23 ? A 3  ? ?  1 
# 
loop_
_ndb_struct_na_base_pair_step.model_number 
_ndb_struct_na_base_pair_step.i_label_asym_id_1 
_ndb_struct_na_base_pair_step.i_label_comp_id_1 
_ndb_struct_na_base_pair_step.i_label_seq_id_1 
_ndb_struct_na_base_pair_step.i_symmetry_1 
_ndb_struct_na_base_pair_step.j_label_asym_id_1 
_ndb_struct_na_base_pair_step.j_label_comp_id_1 
_ndb_struct_na_base_pair_step.j_label_seq_id_1 
_ndb_struct_na_base_pair_step.j_symmetry_1 
_ndb_struct_na_base_pair_step.i_label_asym_id_2 
_ndb_struct_na_base_pair_step.i_label_comp_id_2 
_ndb_struct_na_base_pair_step.i_label_seq_id_2 
_ndb_struct_na_base_pair_step.i_symmetry_2 
_ndb_struct_na_base_pair_step.j_label_asym_id_2 
_ndb_struct_na_base_pair_step.j_label_comp_id_2 
_ndb_struct_na_base_pair_step.j_label_seq_id_2 
_ndb_struct_na_base_pair_step.j_symmetry_2 
_ndb_struct_na_base_pair_step.shift 
_ndb_struct_na_base_pair_step.slide 
_ndb_struct_na_base_pair_step.rise 
_ndb_struct_na_base_pair_step.tilt 
_ndb_struct_na_base_pair_step.roll 
_ndb_struct_na_base_pair_step.twist 
_ndb_struct_na_base_pair_step.x_displacement 
_ndb_struct_na_base_pair_step.y_displacement 
_ndb_struct_na_base_pair_step.helical_rise 
_ndb_struct_na_base_pair_step.inclination 
_ndb_struct_na_base_pair_step.tip 
_ndb_struct_na_base_pair_step.helical_twist 
_ndb_struct_na_base_pair_step.step_number 
_ndb_struct_na_base_pair_step.step_name 
_ndb_struct_na_base_pair_step.i_auth_asym_id_1 
_ndb_struct_na_base_pair_step.i_auth_seq_id_1 
_ndb_struct_na_base_pair_step.i_PDB_ins_code_1 
_ndb_struct_na_base_pair_step.j_auth_asym_id_1 
_ndb_struct_na_base_pair_step.j_auth_seq_id_1 
_ndb_struct_na_base_pair_step.j_PDB_ins_code_1 
_ndb_struct_na_base_pair_step.i_auth_asym_id_2 
_ndb_struct_na_base_pair_step.i_auth_seq_id_2 
_ndb_struct_na_base_pair_step.i_PDB_ins_code_2 
_ndb_struct_na_base_pair_step.j_auth_asym_id_2 
_ndb_struct_na_base_pair_step.j_auth_seq_id_2 
_ndb_struct_na_base_pair_step.j_PDB_ins_code_2 
1 A G 3  1_555 A C 23 2_955 A C 4  1_555 A G 22 2_955 -0.716 -1.445 3.282  -1.189   3.350    43.555  -2.259  0.850   3.185  4.506 
1.599   43.693  1  AA_G3C4:G22C23_AA   A 3  ? A 23 ? A 4  ? A 22 ? 
1 A C 4  1_555 A G 22 2_955 A G 5  1_555 A C 21 2_955 0.463  -1.687 3.109  0.815    8.317    28.993  -4.739  -0.743  2.549  16.192 
-1.587  30.148  2  AA_C4G5:C21G22_AA   A 4  ? A 22 ? A 5  ? A 21 ? 
1 A G 5  1_555 A C 21 2_955 A C 7  1_555 A G 19 2_955 -0.024 -3.095 6.380  0.204    14.718   72.800  -3.438  0.032   5.756  12.278 
-0.171  74.071  3  AA_G5C7:G19C21_AA   A 5  ? A 21 ? A 7  ? A 19 ? 
1 A C 7  1_555 A G 19 2_955 A G 8  1_555 A A 17 2_955 1.125  -3.032 -1.428 -169.161 8.845    142.928 -1.503  -0.304  -1.760 4.437 
84.854  176.632 4  AA_C7G8:A17G19_AA   A 7  ? A 19 ? A 8  ? A 17 ? 
1 A G 8  1_555 A A 17 2_955 A C 9  1_555 A G 16 2_955 -1.732 -2.102 -2.083 137.302  -109.554 16.117  -1.707  0.046   -0.335 
-55.942 -70.112 175.696 5  AA_G8C9:G16A17_AA   A 8  ? A 17 ? A 9  ? A 16 ? 
1 A C 9  1_555 A G 16 2_955 A G 10 1_555 A C 15 2_955 -0.156 -1.216 3.414  0.288    12.146   32.989  -3.804  0.301   2.805  20.541 
-0.487  35.096  6  AA_C9G10:C15G16_AA  A 9  ? A 16 ? A 10 ? A 15 ? 
1 A G 10 1_555 A C 15 2_955 A U 11 1_555 A A 14 2_955 0.136  -1.056 3.236  -1.627   9.667    34.497  -3.033  -0.442  2.838  15.907 
2.677   35.822  7  AA_G10U11:A14C15_AA A 10 ? A 15 ? A 11 ? A 14 ? 
1 A U 11 1_555 A A 14 2_955 A C 12 1_555 A G 13 2_955 0.052  -0.730 2.899  2.751    7.196    29.529  -2.623  0.374   2.646  13.824 
-5.285  30.496  8  AA_U11C12:G13A14_AA A 11 ? A 14 ? A 12 ? A 13 ? 
1 A C 12 1_555 A G 13 2_955 A G 13 1_555 A C 12 2_955 0.000  -1.497 3.443  0.000    13.778   35.708  -3.980  0.000   2.705  21.507 
0.000   38.193  9  AA_C12G13:C12G13_AA A 12 ? A 13 ? A 13 ? A 12 ? 
1 A G 13 1_555 A C 12 2_955 A A 14 1_555 A U 11 2_955 -0.052 -0.730 2.899  -2.751   7.196    29.529  -2.623  -0.374  2.646  13.824 
5.285   30.496  10 AA_G13A14:U11C12_AA A 13 ? A 12 ? A 14 ? A 11 ? 
1 A A 14 1_555 A U 11 2_955 A C 15 1_555 A G 10 2_955 -0.136 -1.056 3.236  1.627    9.667    34.497  -3.033  0.442   2.838  15.907 
-2.677  35.822  11 AA_A14C15:G10U11_AA A 14 ? A 11 ? A 15 ? A 10 ? 
1 A C 15 1_555 A G 10 2_955 A G 16 1_555 A C 9  2_955 0.156  -1.216 3.414  -0.288   12.146   32.989  -3.804  -0.301  2.805  20.541 
0.487   35.096  12 AA_C15G16:C9G10_AA  A 15 ? A 10 ? A 16 ? A 9  ? 
1 A G 16 1_555 A C 9  2_955 A A 17 1_555 A G 8  2_955 0.335  -2.056 2.724  4.304    0.609    77.173  -1.661  -0.165  2.723  0.488 
-3.448  77.276  13 AA_G16A17:G8C9_AA   A 16 ? A 9  ? A 17 ? A 8  ? 
1 A A 17 1_555 A G 8  2_955 A G 19 1_555 A C 7  2_955 -1.761 0.761  2.969  -3.372   10.057   -5.986  -12.233 -11.201 0.346  
-57.498 -19.279 -12.176 14 AA_A17G19:C7G8_AA   A 17 ? A 8  ? A 19 ? A 7  ? 
1 A G 19 1_555 A C 7  2_955 A C 21 1_555 A G 5  2_955 0.024  -3.095 6.380  -0.204   14.718   72.800  -3.438  -0.032  5.756  12.278 
0.171   74.071  15 AA_G19C21:G5C7_AA   A 19 ? A 7  ? A 21 ? A 5  ? 
1 A C 21 1_555 A G 5  2_955 A G 22 1_555 A C 4  2_955 -0.463 -1.687 3.109  -0.815   8.317    28.993  -4.739  0.743   2.549  16.192 
1.587   30.148  16 AA_C21G22:C4G5_AA   A 21 ? A 5  ? A 22 ? A 4  ? 
1 A G 22 1_555 A C 4  2_955 A C 23 1_555 A G 3  2_955 0.716  -1.445 3.282  1.189    3.350    43.555  -2.259  -0.850  3.185  4.506 
-1.599  43.693  17 AA_G22C23:G3C4_AA   A 22 ? A 4  ? A 23 ? A 3  ? 
# 
_pdbx_audit_support.funding_organization   'Ministry of Education, Culture, Sports, Science and Technology (Japan)' 
_pdbx_audit_support.country                Japan 
_pdbx_audit_support.grant_number           24245037 
_pdbx_audit_support.ordinal                1 
# 
_pdbx_entity_instance_feature.ordinal        1 
_pdbx_entity_instance_feature.comp_id        AG 
_pdbx_entity_instance_feature.asym_id        ? 
_pdbx_entity_instance_feature.seq_num        ? 
_pdbx_entity_instance_feature.auth_comp_id   AG 
_pdbx_entity_instance_feature.auth_asym_id   ? 
_pdbx_entity_instance_feature.auth_seq_num   ? 
_pdbx_entity_instance_feature.feature_type   'SUBJECT OF INVESTIGATION' 
_pdbx_entity_instance_feature.details        ? 
# 
loop_
_pdbx_entity_nonpoly.entity_id 
_pdbx_entity_nonpoly.name 
_pdbx_entity_nonpoly.comp_id 
2 'SILVER ION'  AG 
3 'CALCIUM ION' CA 
# 
_pdbx_initial_refinement_model.id               1 
_pdbx_initial_refinement_model.entity_id_list   ? 
_pdbx_initial_refinement_model.type             'experimental model' 
_pdbx_initial_refinement_model.source_name      PDB 
_pdbx_initial_refinement_model.accession_code   3TD0 
_pdbx_initial_refinement_model.details          ? 
# 
_pdbx_struct_assembly_auth_evidence.id                     1 
_pdbx_struct_assembly_auth_evidence.assembly_id            1 
_pdbx_struct_assembly_auth_evidence.experimental_support   none 
_pdbx_struct_assembly_auth_evidence.details                ? 
# 
